data_6D9F
#
_entry.id   6D9F
#
_cell.length_a   77.630
_cell.length_b   79.030
_cell.length_c   124.730
_cell.angle_alpha   90.00
_cell.angle_beta   90.00
_cell.angle_gamma   90.00
#
_symmetry.space_group_name_H-M   'P 21 21 21'
#
loop_
_entity.id
_entity.type
_entity.pdbx_description
1 polymer 'Putative VlmB homolog'
2 non-polymer 'FE (III) ION'
3 non-polymer 'SULFATE ION'
4 non-polymer 1,2-ETHANEDIOL
5 water water
#
_entity_poly.entity_id   1
_entity_poly.type   'polypeptide(L)'
_entity_poly.pdbx_seq_one_letter_code
;MSAPIPAETGWDSAPGLLEGAMTLDLTPEQCDLGYWLRGVAQGTLAGRAETGHTDAEPTPEHMRADGPLRDAQVLELSCR
SVAEAQATRVLAHYVAQAPDIVELEFFTTQLVDEARHSMVFRRHLLAMGVPADRLHASIAEVSAEYRREVLEPILDFALT
TVRDEGDFVGGVAVFTIIIEGVLAPAAELSERKWNLLDPAAGAIARGAAIDEVRHLTVGSSVVRRHLLRRPERKAALLDI
VRRGREIWDGIPDRKHVLRREELFQAGMREHADLLAGYEVWPGQPLLSTTPEQRYAMAEQWTDRMAAARLVHMGLPEAID
LLRLTDHHHHHH
;
_entity_poly.pdbx_strand_id   A,B
#
loop_
_chem_comp.id
_chem_comp.type
_chem_comp.name
_chem_comp.formula
EDO non-polymer 1,2-ETHANEDIOL 'C2 H6 O2'
FE non-polymer 'FE (III) ION' 'Fe 3'
SO4 non-polymer 'SULFATE ION' 'O4 S -2'
#
# COMPACT_ATOMS: atom_id res chain seq x y z
N ILE A 5 -7.98 -19.81 3.02
CA ILE A 5 -6.61 -19.25 2.71
C ILE A 5 -6.08 -19.98 1.49
N PRO A 6 -5.83 -19.26 0.38
CA PRO A 6 -5.39 -19.96 -0.82
C PRO A 6 -4.12 -20.77 -0.59
N ALA A 7 -3.99 -21.88 -1.34
CA ALA A 7 -2.82 -22.78 -1.19
C ALA A 7 -1.49 -22.02 -1.41
N GLU A 8 -1.48 -21.15 -2.45
CA GLU A 8 -0.31 -20.39 -2.84
C GLU A 8 0.13 -19.32 -1.80
N THR A 9 -0.77 -18.94 -0.86
CA THR A 9 -0.39 -17.97 0.19
C THR A 9 -0.20 -18.55 1.58
N GLY A 10 -0.61 -19.80 1.82
CA GLY A 10 -0.50 -20.42 3.13
C GLY A 10 0.94 -20.64 3.59
N TRP A 11 1.23 -20.36 4.85
CA TRP A 11 2.60 -20.48 5.37
C TRP A 11 3.22 -21.85 5.12
N ASP A 12 2.42 -22.89 5.35
CA ASP A 12 2.85 -24.26 5.13
C ASP A 12 2.58 -24.75 3.73
N SER A 13 1.51 -24.31 3.09
CA SER A 13 1.14 -24.85 1.79
C SER A 13 1.83 -24.14 0.59
N ALA A 14 2.18 -22.87 0.71
CA ALA A 14 2.80 -22.12 -0.41
C ALA A 14 4.05 -22.82 -0.96
N PRO A 15 4.24 -22.77 -2.28
CA PRO A 15 5.49 -23.34 -2.86
C PRO A 15 6.75 -22.54 -2.51
N GLY A 16 7.90 -23.16 -2.73
CA GLY A 16 9.17 -22.48 -2.71
C GLY A 16 9.20 -21.41 -3.83
N LEU A 17 10.22 -20.59 -3.83
CA LEU A 17 10.22 -19.37 -4.66
C LEU A 17 10.36 -19.77 -6.15
N LEU A 18 11.43 -20.44 -6.49
CA LEU A 18 11.62 -20.95 -7.89
C LEU A 18 10.46 -21.85 -8.32
N GLU A 19 10.04 -22.74 -7.45
CA GLU A 19 9.02 -23.70 -7.80
C GLU A 19 7.73 -22.94 -8.15
N GLY A 20 7.36 -21.97 -7.33
CA GLY A 20 6.13 -21.22 -7.58
C GLY A 20 6.24 -20.36 -8.83
N ALA A 21 7.40 -19.73 -9.00
CA ALA A 21 7.57 -18.79 -10.14
C ALA A 21 7.61 -19.49 -11.49
N MET A 22 8.05 -20.74 -11.48
CA MET A 22 8.18 -21.56 -12.70
C MET A 22 6.93 -22.40 -12.99
N THR A 23 6.02 -22.55 -12.04
CA THR A 23 4.88 -23.47 -12.23
C THR A 23 3.53 -22.81 -12.15
N LEU A 24 3.39 -21.75 -11.34
CA LEU A 24 2.07 -21.14 -11.10
C LEU A 24 1.73 -20.06 -12.14
N ASP A 25 0.43 -19.90 -12.32
CA ASP A 25 -0.15 -18.92 -13.18
C ASP A 25 -1.10 -18.15 -12.29
N LEU A 26 -0.75 -16.90 -12.02
CA LEU A 26 -1.57 -16.01 -11.22
C LEU A 26 -1.70 -14.73 -12.04
N THR A 27 -2.90 -14.16 -12.04
CA THR A 27 -3.21 -12.97 -12.77
C THR A 27 -3.49 -11.84 -11.78
N PRO A 28 -3.35 -10.58 -12.24
CA PRO A 28 -3.70 -9.45 -11.35
C PRO A 28 -5.17 -9.40 -10.94
N GLU A 29 -6.07 -9.89 -11.79
CA GLU A 29 -7.50 -10.05 -11.46
C GLU A 29 -7.71 -11.02 -10.29
N GLN A 30 -6.97 -12.14 -10.23
CA GLN A 30 -7.10 -13.09 -9.11
C GLN A 30 -6.57 -12.48 -7.80
N CYS A 31 -5.40 -11.88 -7.88
CA CYS A 31 -4.69 -11.35 -6.73
C CYS A 31 -5.06 -9.88 -6.54
N ASP A 32 -6.36 -9.63 -6.48
CA ASP A 32 -6.84 -8.30 -6.21
C ASP A 32 -6.71 -7.93 -4.71
N LEU A 33 -7.19 -6.74 -4.32
CA LEU A 33 -6.97 -6.28 -2.97
C LEU A 33 -7.67 -7.15 -1.91
N GLY A 34 -8.90 -7.60 -2.18
CA GLY A 34 -9.57 -8.57 -1.29
C GLY A 34 -8.79 -9.85 -1.04
N TYR A 35 -8.24 -10.39 -2.12
CA TYR A 35 -7.48 -11.60 -2.03
C TYR A 35 -6.26 -11.37 -1.13
N TRP A 36 -5.58 -10.24 -1.33
CA TRP A 36 -4.39 -9.94 -0.56
C TRP A 36 -4.74 -9.74 0.93
N LEU A 37 -5.77 -8.96 1.21
CA LEU A 37 -6.12 -8.69 2.61
C LEU A 37 -6.48 -9.99 3.34
N ARG A 38 -7.21 -10.86 2.65
CA ARG A 38 -7.63 -12.17 3.22
C ARG A 38 -6.51 -13.18 3.23
N GLY A 39 -5.91 -13.39 2.09
CA GLY A 39 -4.92 -14.45 1.95
C GLY A 39 -3.51 -14.13 2.42
N VAL A 40 -3.18 -12.86 2.47
CA VAL A 40 -1.84 -12.46 2.82
C VAL A 40 -1.81 -11.79 4.16
N ALA A 41 -2.44 -10.62 4.26
CA ALA A 41 -2.46 -9.88 5.52
C ALA A 41 -3.05 -10.73 6.64
N GLN A 42 -4.17 -11.39 6.37
CA GLN A 42 -4.76 -12.33 7.34
C GLN A 42 -4.34 -13.79 7.14
N GLY A 43 -3.61 -14.13 6.06
CA GLY A 43 -3.14 -15.53 5.79
C GLY A 43 -1.67 -15.78 6.08
N THR A 44 -0.83 -15.62 5.07
CA THR A 44 0.63 -15.69 5.21
C THR A 44 1.19 -14.97 6.43
N LEU A 45 0.67 -13.76 6.71
CA LEU A 45 1.15 -12.94 7.84
C LEU A 45 0.44 -13.18 9.20
N ALA A 46 -0.50 -14.13 9.29
CA ALA A 46 -1.15 -14.44 10.62
C ALA A 46 -0.09 -14.77 11.66
N GLY A 47 -0.02 -14.00 12.75
CA GLY A 47 1.03 -14.21 13.77
C GLY A 47 2.42 -13.70 13.40
N ARG A 48 2.55 -12.99 12.29
CA ARG A 48 3.85 -12.51 11.85
C ARG A 48 3.85 -11.06 11.32
N ALA A 49 2.81 -10.30 11.68
CA ALA A 49 2.59 -8.95 11.21
C ALA A 49 3.72 -7.96 11.58
N GLU A 50 4.18 -7.97 12.82
CA GLU A 50 5.15 -6.99 13.27
C GLU A 50 6.60 -7.23 12.85
N THR A 51 7.05 -8.48 12.92
CA THR A 51 8.42 -8.79 12.68
C THR A 51 8.62 -9.78 11.56
N GLY A 52 7.54 -10.31 10.97
CA GLY A 52 7.69 -11.39 9.99
C GLY A 52 7.98 -12.79 10.59
N HIS A 53 8.14 -12.89 11.92
CA HIS A 53 8.39 -14.23 12.53
C HIS A 53 7.67 -14.38 13.87
N THR A 54 7.65 -15.59 14.40
CA THR A 54 7.01 -15.90 15.70
C THR A 54 8.11 -16.18 16.72
N ASP A 55 7.67 -16.37 17.96
CA ASP A 55 8.52 -16.77 19.09
C ASP A 55 9.28 -18.07 18.83
N ALA A 56 8.72 -18.92 17.96
CA ALA A 56 9.37 -20.20 17.58
C ALA A 56 10.46 -20.08 16.53
N GLU A 57 10.67 -18.85 16.02
CA GLU A 57 11.67 -18.57 15.01
C GLU A 57 12.49 -17.37 15.56
N PRO A 58 13.26 -17.56 16.61
CA PRO A 58 13.84 -16.40 17.26
C PRO A 58 15.10 -15.90 16.58
N THR A 59 15.48 -14.68 16.92
CA THR A 59 16.77 -14.20 16.56
C THR A 59 17.75 -14.69 17.59
N PRO A 60 18.73 -15.47 17.19
CA PRO A 60 19.63 -15.92 18.22
C PRO A 60 20.49 -14.86 18.79
N GLU A 61 20.88 -15.07 20.03
CA GLU A 61 21.88 -14.25 20.66
C GLU A 61 23.21 -14.20 19.88
N HIS A 62 23.58 -15.27 19.19
CA HIS A 62 24.84 -15.27 18.47
C HIS A 62 24.82 -14.26 17.24
N MET A 63 23.64 -13.85 16.81
CA MET A 63 23.44 -12.84 15.80
C MET A 63 23.59 -11.40 16.36
N ARG A 64 23.66 -11.27 17.68
CA ARG A 64 23.91 -10.01 18.36
C ARG A 64 25.36 -9.85 18.70
N ALA A 65 26.15 -10.90 18.60
CA ALA A 65 27.53 -10.85 18.99
C ALA A 65 28.39 -10.39 17.84
N ASP A 66 29.33 -9.51 18.15
CA ASP A 66 30.20 -8.95 17.12
C ASP A 66 31.04 -10.03 16.48
N GLY A 67 31.09 -10.04 15.16
CA GLY A 67 31.86 -11.04 14.42
C GLY A 67 31.44 -11.08 12.96
N PRO A 68 32.08 -11.91 12.15
CA PRO A 68 31.81 -11.98 10.72
C PRO A 68 30.42 -12.50 10.36
N LEU A 69 29.85 -13.36 11.20
CA LEU A 69 28.51 -13.82 10.89
C LEU A 69 27.53 -12.68 11.00
N ARG A 70 27.59 -11.98 12.10
CA ARG A 70 26.73 -10.85 12.31
C ARG A 70 26.98 -9.79 11.18
N ASP A 71 28.25 -9.54 10.83
CA ASP A 71 28.59 -8.50 9.81
C ASP A 71 27.97 -8.92 8.46
N ALA A 72 28.04 -10.20 8.14
CA ALA A 72 27.47 -10.66 6.89
C ALA A 72 25.99 -10.34 6.81
N GLN A 73 25.28 -10.54 7.91
CA GLN A 73 23.84 -10.27 7.94
C GLN A 73 23.51 -8.77 7.99
N VAL A 74 24.28 -8.02 8.76
CA VAL A 74 24.19 -6.54 8.73
C VAL A 74 24.35 -5.93 7.29
N LEU A 75 25.38 -6.37 6.62
CA LEU A 75 25.63 -5.91 5.28
C LEU A 75 24.46 -6.33 4.38
N GLU A 76 24.11 -7.63 4.38
CA GLU A 76 23.00 -8.13 3.57
C GLU A 76 21.71 -7.41 3.81
N LEU A 77 21.28 -7.31 5.06
CA LEU A 77 19.95 -6.72 5.29
C LEU A 77 19.98 -5.19 5.24
N SER A 78 21.11 -4.55 5.52
CA SER A 78 21.15 -3.08 5.27
C SER A 78 20.86 -2.79 3.78
N CYS A 79 21.52 -3.54 2.92
CA CYS A 79 21.34 -3.45 1.48
C CYS A 79 19.94 -3.82 1.04
N ARG A 80 19.39 -4.95 1.54
CA ARG A 80 18.04 -5.32 1.12
C ARG A 80 17.01 -4.33 1.62
N SER A 81 17.18 -3.84 2.83
CA SER A 81 16.24 -2.81 3.33
C SER A 81 16.14 -1.63 2.38
N VAL A 82 17.30 -1.18 1.92
CA VAL A 82 17.36 -0.05 0.98
C VAL A 82 16.74 -0.45 -0.35
N ALA A 83 17.08 -1.64 -0.87
CA ALA A 83 16.49 -2.12 -2.13
C ALA A 83 14.95 -2.08 -2.06
N GLU A 84 14.40 -2.62 -0.99
CA GLU A 84 12.96 -2.79 -0.88
C GLU A 84 12.25 -1.46 -0.68
N ALA A 85 12.84 -0.56 0.12
CA ALA A 85 12.26 0.80 0.30
C ALA A 85 12.32 1.58 -1.04
N GLN A 86 13.43 1.51 -1.74
CA GLN A 86 13.50 2.19 -3.09
C GLN A 86 12.55 1.54 -4.10
N ALA A 87 12.36 0.20 -4.04
CA ALA A 87 11.40 -0.44 -4.91
C ALA A 87 9.98 0.04 -4.63
N THR A 88 9.67 0.30 -3.36
CA THR A 88 8.37 0.81 -2.95
C THR A 88 8.13 2.18 -3.64
N ARG A 89 9.15 3.04 -3.58
CA ARG A 89 9.10 4.38 -4.18
C ARG A 89 8.88 4.28 -5.70
N VAL A 90 9.56 3.32 -6.34
CA VAL A 90 9.39 3.10 -7.77
C VAL A 90 7.98 2.57 -8.07
N LEU A 91 7.54 1.56 -7.34
CA LEU A 91 6.22 0.96 -7.59
C LEU A 91 5.08 1.90 -7.39
N ALA A 92 5.27 2.90 -6.54
CA ALA A 92 4.28 3.97 -6.37
C ALA A 92 3.92 4.59 -7.72
N HIS A 93 4.91 4.71 -8.60
CA HIS A 93 4.67 5.28 -9.95
C HIS A 93 3.88 4.31 -10.79
N TYR A 94 4.01 3.00 -10.50
CA TYR A 94 3.22 1.98 -11.22
C TYR A 94 1.78 2.04 -10.80
N VAL A 95 1.57 2.35 -9.50
CA VAL A 95 0.22 2.57 -9.01
C VAL A 95 -0.40 3.81 -9.65
N ALA A 96 0.31 4.93 -9.58
CA ALA A 96 -0.19 6.22 -10.09
C ALA A 96 -0.62 6.07 -11.53
N GLN A 97 0.17 5.37 -12.33
CA GLN A 97 -0.12 5.16 -13.76
C GLN A 97 -0.82 3.88 -14.15
N ALA A 98 -1.38 3.15 -13.20
CA ALA A 98 -2.01 1.88 -13.47
C ALA A 98 -3.12 2.12 -14.48
N PRO A 99 -3.13 1.38 -15.59
CA PRO A 99 -4.10 1.76 -16.61
C PRO A 99 -5.54 1.47 -16.24
N ASP A 100 -5.81 0.65 -15.23
CA ASP A 100 -7.18 0.35 -14.81
C ASP A 100 -7.21 -0.07 -13.34
N ILE A 101 -8.40 -0.30 -12.83
CA ILE A 101 -8.63 -0.70 -11.44
C ILE A 101 -7.97 -2.02 -11.04
N VAL A 102 -7.93 -2.96 -11.98
CA VAL A 102 -7.34 -4.26 -11.71
C VAL A 102 -5.85 -4.12 -11.39
N GLU A 103 -5.16 -3.37 -12.21
CA GLU A 103 -3.75 -3.07 -12.04
C GLU A 103 -3.48 -2.12 -10.85
N LEU A 104 -4.37 -1.14 -10.63
CA LEU A 104 -4.25 -0.26 -9.48
C LEU A 104 -4.23 -1.06 -8.17
N GLU A 105 -5.20 -1.98 -8.02
CA GLU A 105 -5.25 -2.82 -6.83
C GLU A 105 -4.09 -3.73 -6.76
N PHE A 106 -3.72 -4.39 -7.88
CA PHE A 106 -2.63 -5.34 -7.77
C PHE A 106 -1.32 -4.68 -7.34
N PHE A 107 -0.97 -3.61 -8.04
CA PHE A 107 0.31 -2.94 -7.81
C PHE A 107 0.34 -2.18 -6.50
N THR A 108 -0.84 -1.84 -5.95
CA THR A 108 -0.96 -1.41 -4.57
C THR A 108 -0.54 -2.51 -3.61
N THR A 109 -0.96 -3.74 -3.88
CA THR A 109 -0.56 -4.88 -3.04
C THR A 109 0.95 -5.13 -3.12
N GLN A 110 1.52 -5.03 -4.32
CA GLN A 110 2.98 -5.22 -4.44
C GLN A 110 3.76 -4.13 -3.72
N LEU A 111 3.31 -2.90 -3.88
CA LEU A 111 3.91 -1.77 -3.17
C LEU A 111 3.95 -2.01 -1.64
N VAL A 112 2.81 -2.37 -1.06
CA VAL A 112 2.77 -2.64 0.40
C VAL A 112 3.68 -3.82 0.78
N ASP A 113 3.74 -4.89 -0.05
CA ASP A 113 4.64 -6.03 0.23
C ASP A 113 6.07 -5.55 0.33
N GLU A 114 6.50 -4.72 -0.63
CA GLU A 114 7.87 -4.29 -0.65
C GLU A 114 8.18 -3.41 0.57
N ALA A 115 7.25 -2.55 0.92
CA ALA A 115 7.39 -1.74 2.12
C ALA A 115 7.47 -2.63 3.35
N ARG A 116 6.66 -3.68 3.35
CA ARG A 116 6.72 -4.67 4.44
C ARG A 116 8.07 -5.36 4.50
N HIS A 117 8.59 -5.80 3.37
CA HIS A 117 9.92 -6.43 3.39
C HIS A 117 10.97 -5.51 3.97
N SER A 118 10.95 -4.24 3.53
CA SER A 118 11.91 -3.25 4.06
C SER A 118 11.80 -3.17 5.59
N MET A 119 10.57 -3.11 6.06
CA MET A 119 10.27 -2.97 7.46
C MET A 119 10.78 -4.16 8.31
N VAL A 120 10.54 -5.39 7.85
CA VAL A 120 10.99 -6.56 8.63
C VAL A 120 12.48 -6.77 8.54
N PHE A 121 13.09 -6.37 7.42
CA PHE A 121 14.56 -6.40 7.41
C PHE A 121 15.16 -5.40 8.38
N ARG A 122 14.62 -4.19 8.43
CA ARG A 122 15.16 -3.16 9.32
C ARG A 122 14.93 -3.59 10.76
N ARG A 123 13.77 -4.13 11.05
CA ARG A 123 13.48 -4.66 12.40
C ARG A 123 14.39 -5.78 12.83
N HIS A 124 14.82 -6.58 11.87
CA HIS A 124 15.77 -7.60 12.15
C HIS A 124 17.09 -7.04 12.52
N LEU A 125 17.49 -5.95 11.87
CA LEU A 125 18.68 -5.24 12.30
C LEU A 125 18.62 -4.76 13.77
N LEU A 126 17.46 -4.23 14.18
CA LEU A 126 17.27 -3.84 15.60
C LEU A 126 17.38 -5.08 16.51
N ALA A 127 16.78 -6.20 16.09
CA ALA A 127 16.84 -7.45 16.86
C ALA A 127 18.28 -7.98 16.97
N MET A 128 19.15 -7.61 16.02
CA MET A 128 20.58 -7.95 16.08
C MET A 128 21.41 -6.93 16.86
N GLY A 129 20.77 -5.99 17.52
CA GLY A 129 21.50 -5.07 18.41
C GLY A 129 21.96 -3.76 17.76
N VAL A 130 21.61 -3.49 16.51
CA VAL A 130 21.88 -2.16 15.96
C VAL A 130 20.99 -1.22 16.79
N PRO A 131 21.60 -0.25 17.49
CA PRO A 131 20.78 0.64 18.32
C PRO A 131 19.81 1.45 17.48
N ALA A 132 18.61 1.64 18.02
CA ALA A 132 17.54 2.35 17.33
C ALA A 132 17.99 3.74 16.90
N ASP A 133 18.80 4.41 17.71
CA ASP A 133 19.17 5.78 17.38
C ASP A 133 20.33 5.85 16.36
N ARG A 134 21.01 4.73 16.09
CA ARG A 134 22.02 4.63 15.01
C ARG A 134 21.52 3.81 13.79
N LEU A 135 20.24 3.45 13.76
CA LEU A 135 19.75 2.53 12.72
C LEU A 135 19.79 3.17 11.33
N HIS A 136 19.22 4.36 11.19
CA HIS A 136 19.21 5.07 9.90
C HIS A 136 20.62 5.26 9.37
N ALA A 137 21.50 5.80 10.20
CA ALA A 137 22.88 6.06 9.80
C ALA A 137 23.65 4.83 9.45
N SER A 138 23.42 3.78 10.22
CA SER A 138 24.15 2.57 10.02
C SER A 138 23.76 1.93 8.66
N ILE A 139 22.47 1.80 8.39
CA ILE A 139 21.98 1.24 7.11
C ILE A 139 22.53 2.06 5.95
N ALA A 140 22.46 3.38 6.08
CA ALA A 140 22.90 4.30 5.04
C ALA A 140 24.39 4.21 4.79
N GLU A 141 25.20 4.22 5.83
CA GLU A 141 26.66 3.96 5.66
C GLU A 141 26.97 2.64 4.99
N VAL A 142 26.34 1.58 5.49
CA VAL A 142 26.68 0.24 5.02
C VAL A 142 26.25 -0.02 3.56
N SER A 143 25.10 0.53 3.19
CA SER A 143 24.50 0.24 1.91
C SER A 143 24.82 1.28 0.81
N ALA A 144 25.47 2.39 1.17
CA ALA A 144 25.65 3.52 0.22
C ALA A 144 26.25 3.11 -1.12
N GLU A 145 27.34 2.34 -1.11
CA GLU A 145 28.00 1.99 -2.35
C GLU A 145 27.13 1.09 -3.23
N TYR A 146 26.42 0.14 -2.62
CA TYR A 146 25.56 -0.77 -3.31
C TYR A 146 24.36 0.00 -3.89
N ARG A 147 23.80 0.91 -3.13
CA ARG A 147 22.67 1.72 -3.54
C ARG A 147 23.05 2.54 -4.81
N ARG A 148 24.20 3.18 -4.74
CA ARG A 148 24.68 4.05 -5.83
C ARG A 148 25.08 3.27 -7.07
N GLU A 149 25.67 2.08 -6.88
CA GLU A 149 26.24 1.35 -8.01
C GLU A 149 25.31 0.36 -8.63
N VAL A 150 24.42 -0.23 -7.83
CA VAL A 150 23.60 -1.31 -8.32
C VAL A 150 22.12 -0.92 -8.33
N LEU A 151 21.59 -0.53 -7.18
CA LEU A 151 20.13 -0.31 -7.06
C LEU A 151 19.64 0.85 -7.89
N GLU A 152 20.28 2.00 -7.75
CA GLU A 152 19.80 3.18 -8.46
C GLU A 152 19.81 3.06 -9.98
N PRO A 153 20.86 2.52 -10.58
CA PRO A 153 20.79 2.33 -12.02
C PRO A 153 19.68 1.38 -12.53
N ILE A 154 19.43 0.23 -11.87
CA ILE A 154 18.42 -0.63 -12.39
C ILE A 154 17.06 -0.08 -12.07
N LEU A 155 16.89 0.51 -10.89
CA LEU A 155 15.58 1.10 -10.55
C LEU A 155 15.26 2.33 -11.41
N ASP A 156 16.26 3.11 -11.70
CA ASP A 156 16.01 4.26 -12.62
C ASP A 156 15.60 3.78 -14.04
N PHE A 157 16.07 2.62 -14.48
CA PHE A 157 15.59 2.02 -15.76
C PHE A 157 14.07 1.78 -15.71
N ALA A 158 13.57 1.18 -14.63
CA ALA A 158 12.14 0.92 -14.49
C ALA A 158 11.37 2.22 -14.49
N LEU A 159 11.82 3.14 -13.65
CA LEU A 159 11.13 4.42 -13.49
C LEU A 159 11.09 5.20 -14.82
N THR A 160 12.23 5.21 -15.50
CA THR A 160 12.36 5.86 -16.81
C THR A 160 11.39 5.25 -17.82
N THR A 161 11.26 3.91 -17.81
CA THR A 161 10.36 3.23 -18.76
C THR A 161 8.91 3.53 -18.47
N VAL A 162 8.47 3.44 -17.21
CA VAL A 162 7.07 3.65 -16.87
C VAL A 162 6.73 5.13 -16.97
N ARG A 163 7.60 5.99 -16.49
CA ARG A 163 7.24 7.39 -16.26
C ARG A 163 7.67 8.26 -17.48
N ASP A 164 8.97 8.48 -17.69
CA ASP A 164 9.49 9.26 -18.81
C ASP A 164 9.02 8.74 -20.17
N GLU A 165 9.04 7.42 -20.39
CA GLU A 165 8.58 6.84 -21.64
C GLU A 165 7.09 6.57 -21.70
N GLY A 166 6.35 6.70 -20.60
CA GLY A 166 4.91 6.46 -20.61
C GLY A 166 4.53 5.04 -20.99
N ASP A 167 5.38 4.06 -20.66
CA ASP A 167 5.19 2.70 -21.10
C ASP A 167 4.95 1.77 -19.89
N PHE A 168 3.70 1.58 -19.53
CA PHE A 168 3.39 0.83 -18.32
C PHE A 168 3.80 -0.66 -18.41
N VAL A 169 3.31 -1.36 -19.43
CA VAL A 169 3.61 -2.78 -19.55
C VAL A 169 5.08 -2.95 -19.75
N GLY A 170 5.71 -2.04 -20.48
CA GLY A 170 7.16 -2.07 -20.58
C GLY A 170 7.84 -1.95 -19.23
N GLY A 171 7.27 -1.11 -18.39
CA GLY A 171 7.78 -0.88 -17.06
C GLY A 171 7.62 -2.16 -16.24
N VAL A 172 6.51 -2.84 -16.42
CA VAL A 172 6.30 -4.10 -15.72
C VAL A 172 7.30 -5.10 -16.23
N ALA A 173 7.57 -5.10 -17.53
CA ALA A 173 8.55 -6.02 -18.03
C ALA A 173 9.94 -5.73 -17.45
N VAL A 174 10.28 -4.47 -17.27
CA VAL A 174 11.59 -4.18 -16.63
C VAL A 174 11.58 -4.74 -15.19
N PHE A 175 10.56 -4.40 -14.43
CA PHE A 175 10.48 -4.87 -13.06
C PHE A 175 10.45 -6.43 -12.94
N THR A 176 9.64 -7.15 -13.75
CA THR A 176 9.63 -8.59 -13.58
C THR A 176 10.82 -9.37 -14.17
N ILE A 177 11.33 -8.95 -15.32
CA ILE A 177 12.42 -9.66 -15.96
C ILE A 177 13.78 -9.19 -15.48
N ILE A 178 14.00 -7.89 -15.42
CA ILE A 178 15.31 -7.31 -15.21
C ILE A 178 15.62 -7.03 -13.75
N ILE A 179 14.57 -6.87 -12.95
CA ILE A 179 14.76 -6.59 -11.53
C ILE A 179 14.42 -7.80 -10.64
N GLU A 180 13.15 -8.07 -10.45
CA GLU A 180 12.76 -9.24 -9.61
C GLU A 180 13.24 -10.56 -10.16
N GLY A 181 13.12 -10.69 -11.47
CA GLY A 181 13.52 -11.88 -12.18
C GLY A 181 14.96 -12.19 -11.89
N VAL A 182 15.77 -11.14 -11.83
CA VAL A 182 17.22 -11.28 -11.60
C VAL A 182 17.56 -11.49 -10.14
N LEU A 183 16.82 -10.86 -9.23
CA LEU A 183 17.24 -10.83 -7.82
C LEU A 183 16.57 -11.87 -6.89
N ALA A 184 15.40 -12.37 -7.29
CA ALA A 184 14.63 -13.26 -6.44
C ALA A 184 15.36 -14.58 -6.14
N PRO A 185 16.03 -15.17 -7.12
CA PRO A 185 16.78 -16.43 -6.79
C PRO A 185 17.85 -16.28 -5.69
N ALA A 186 18.50 -15.13 -5.64
CA ALA A 186 19.49 -14.87 -4.61
C ALA A 186 18.75 -14.71 -3.29
N ALA A 187 17.49 -14.26 -3.31
CA ALA A 187 16.69 -14.21 -2.07
C ALA A 187 16.38 -15.62 -1.56
N GLU A 188 16.06 -16.55 -2.45
CA GLU A 188 15.84 -17.92 -2.01
C GLU A 188 17.14 -18.56 -1.49
N LEU A 189 18.26 -18.28 -2.12
CA LEU A 189 19.52 -18.75 -1.61
C LEU A 189 19.78 -18.22 -0.21
N SER A 190 19.40 -16.96 0.03
CA SER A 190 19.65 -16.34 1.33
C SER A 190 18.83 -17.08 2.40
N GLU A 191 17.57 -17.34 2.12
CA GLU A 191 16.77 -18.16 3.00
C GLU A 191 17.41 -19.54 3.33
N ARG A 192 17.93 -20.21 2.32
CA ARG A 192 18.61 -21.48 2.53
C ARG A 192 19.84 -21.34 3.39
N LYS A 193 20.59 -20.28 3.14
CA LYS A 193 21.79 -20.05 3.90
C LYS A 193 21.54 -19.76 5.38
N TRP A 194 20.48 -19.01 5.67
CA TRP A 194 20.33 -18.44 6.97
C TRP A 194 19.44 -19.25 7.87
N ASN A 195 18.75 -20.21 7.31
CA ASN A 195 17.70 -20.81 8.05
C ASN A 195 18.09 -21.46 9.39
N LEU A 196 19.22 -22.11 9.49
CA LEU A 196 19.65 -22.73 10.72
C LEU A 196 20.38 -21.71 11.58
N LEU A 197 21.14 -20.80 10.96
CA LEU A 197 21.97 -19.85 11.70
C LEU A 197 21.19 -18.70 12.34
N ASP A 198 20.01 -18.39 11.79
CA ASP A 198 19.23 -17.24 12.19
C ASP A 198 17.81 -17.57 11.75
N PRO A 199 17.08 -18.37 12.55
CA PRO A 199 15.71 -18.76 12.20
C PRO A 199 14.76 -17.61 11.96
N ALA A 200 14.91 -16.53 12.71
CA ALA A 200 14.04 -15.36 12.49
C ALA A 200 14.24 -14.81 11.04
N ALA A 201 15.49 -14.73 10.64
CA ALA A 201 15.85 -14.26 9.26
C ALA A 201 15.40 -15.29 8.24
N GLY A 202 15.50 -16.59 8.57
CA GLY A 202 14.93 -17.61 7.65
C GLY A 202 13.41 -17.49 7.44
N ALA A 203 12.69 -17.25 8.51
CA ALA A 203 11.22 -17.09 8.41
C ALA A 203 10.83 -15.78 7.68
N ILE A 204 11.54 -14.73 8.03
CA ILE A 204 11.37 -13.42 7.33
C ILE A 204 11.52 -13.64 5.81
N ALA A 205 12.61 -14.27 5.39
CA ALA A 205 12.90 -14.57 3.95
C ALA A 205 11.82 -15.47 3.32
N ARG A 206 11.42 -16.51 4.05
CA ARG A 206 10.35 -17.35 3.63
C ARG A 206 9.07 -16.57 3.35
N GLY A 207 8.64 -15.69 4.27
CA GLY A 207 7.38 -14.91 4.01
C GLY A 207 7.53 -13.99 2.80
N ALA A 208 8.72 -13.39 2.65
CA ALA A 208 9.01 -12.57 1.48
C ALA A 208 8.99 -13.41 0.19
N ALA A 209 9.51 -14.63 0.26
CA ALA A 209 9.54 -15.49 -0.92
C ALA A 209 8.13 -15.88 -1.38
N ILE A 210 7.21 -16.06 -0.45
CA ILE A 210 5.82 -16.32 -0.80
C ILE A 210 5.19 -15.14 -1.56
N ASP A 211 5.45 -13.93 -1.07
CA ASP A 211 5.05 -12.71 -1.75
C ASP A 211 5.67 -12.64 -3.13
N GLU A 212 6.95 -12.94 -3.20
CA GLU A 212 7.71 -12.87 -4.47
C GLU A 212 7.15 -13.80 -5.53
N VAL A 213 6.68 -14.98 -5.12
CA VAL A 213 6.01 -15.88 -6.06
C VAL A 213 4.86 -15.14 -6.74
N ARG A 214 4.08 -14.40 -5.98
CA ARG A 214 2.99 -13.65 -6.54
C ARG A 214 3.44 -12.49 -7.45
N HIS A 215 4.48 -11.78 -7.05
CA HIS A 215 4.98 -10.64 -7.83
C HIS A 215 5.48 -11.15 -9.22
N LEU A 216 6.26 -12.22 -9.18
CA LEU A 216 6.85 -12.79 -10.40
C LEU A 216 5.78 -13.32 -11.35
N THR A 217 4.78 -14.05 -10.84
CA THR A 217 3.76 -14.72 -11.71
C THR A 217 2.71 -13.70 -12.17
N VAL A 218 2.29 -12.80 -11.29
CA VAL A 218 1.37 -11.72 -11.78
C VAL A 218 2.10 -10.81 -12.80
N GLY A 219 3.36 -10.51 -12.59
CA GLY A 219 4.08 -9.62 -13.52
C GLY A 219 4.18 -10.30 -14.90
N SER A 220 4.47 -11.59 -14.88
CA SER A 220 4.48 -12.40 -16.08
C SER A 220 3.10 -12.39 -16.77
N SER A 221 2.01 -12.53 -16.03
CA SER A 221 0.69 -12.46 -16.67
C SER A 221 0.45 -11.12 -17.34
N VAL A 222 0.85 -10.02 -16.68
CA VAL A 222 0.70 -8.69 -17.29
C VAL A 222 1.43 -8.61 -18.63
N VAL A 223 2.67 -9.08 -18.70
CA VAL A 223 3.42 -9.00 -19.94
C VAL A 223 2.82 -9.99 -20.98
N ARG A 224 2.57 -11.22 -20.56
CA ARG A 224 2.05 -12.22 -21.46
C ARG A 224 0.75 -11.77 -22.14
N ARG A 225 -0.22 -11.38 -21.35
CA ARG A 225 -1.52 -10.95 -21.85
C ARG A 225 -1.42 -9.73 -22.82
N HIS A 226 -0.62 -8.75 -22.44
CA HIS A 226 -0.43 -7.58 -23.29
C HIS A 226 0.11 -8.01 -24.65
N LEU A 227 1.10 -8.90 -24.63
CA LEU A 227 1.84 -9.29 -25.78
C LEU A 227 0.95 -10.09 -26.77
N LEU A 228 0.04 -10.89 -26.27
CA LEU A 228 -0.88 -11.58 -27.15
C LEU A 228 -2.11 -10.74 -27.57
N ARG A 229 -2.43 -9.67 -26.86
CA ARG A 229 -3.33 -8.64 -27.41
C ARG A 229 -2.66 -7.74 -28.47
N ARG A 230 -1.35 -7.49 -28.33
CA ARG A 230 -0.66 -6.53 -29.17
C ARG A 230 0.61 -7.14 -29.63
N PRO A 231 0.50 -8.19 -30.47
CA PRO A 231 1.72 -8.92 -30.83
C PRO A 231 2.80 -8.05 -31.45
N GLU A 232 2.43 -6.92 -32.03
CA GLU A 232 3.38 -5.94 -32.56
C GLU A 232 4.35 -5.36 -31.56
N ARG A 233 4.04 -5.47 -30.26
CA ARG A 233 4.89 -4.90 -29.20
C ARG A 233 6.06 -5.80 -28.84
N LYS A 234 6.17 -6.94 -29.52
CA LYS A 234 7.17 -7.91 -29.16
C LYS A 234 8.59 -7.37 -29.30
N ALA A 235 8.90 -6.67 -30.40
CA ALA A 235 10.27 -6.14 -30.59
C ALA A 235 10.64 -5.10 -29.53
N ALA A 236 9.66 -4.26 -29.19
CA ALA A 236 9.80 -3.25 -28.15
C ALA A 236 10.13 -3.89 -26.81
N LEU A 237 9.44 -4.97 -26.48
CA LEU A 237 9.71 -5.69 -25.26
C LEU A 237 11.11 -6.30 -25.32
N LEU A 238 11.50 -6.85 -26.44
CA LEU A 238 12.81 -7.45 -26.54
C LEU A 238 13.90 -6.42 -26.41
N ASP A 239 13.67 -5.22 -26.95
CA ASP A 239 14.66 -4.13 -26.77
C ASP A 239 14.78 -3.73 -25.31
N ILE A 240 13.65 -3.71 -24.62
CA ILE A 240 13.68 -3.51 -23.16
C ILE A 240 14.58 -4.53 -22.48
N VAL A 241 14.42 -5.78 -22.82
CA VAL A 241 15.24 -6.80 -22.20
C VAL A 241 16.73 -6.60 -22.54
N ARG A 242 17.00 -6.31 -23.82
CA ARG A 242 18.37 -6.05 -24.24
C ARG A 242 19.00 -4.89 -23.46
N ARG A 243 18.29 -3.78 -23.35
CA ARG A 243 18.84 -2.66 -22.58
C ARG A 243 19.10 -3.09 -21.12
N GLY A 244 18.12 -3.82 -20.55
CA GLY A 244 18.30 -4.40 -19.23
C GLY A 244 19.60 -5.15 -19.08
N ARG A 245 19.88 -6.01 -20.03
CA ARG A 245 21.12 -6.76 -19.98
C ARG A 245 22.37 -5.86 -20.05
N GLU A 246 22.32 -4.88 -20.94
CA GLU A 246 23.41 -3.93 -21.07
C GLU A 246 23.61 -3.19 -19.76
N ILE A 247 22.53 -2.83 -19.06
CA ILE A 247 22.71 -2.14 -17.79
C ILE A 247 23.34 -3.08 -16.78
N TRP A 248 22.88 -4.33 -16.64
CA TRP A 248 23.53 -5.26 -15.70
C TRP A 248 24.98 -5.48 -16.06
N ASP A 249 25.29 -5.57 -17.35
CA ASP A 249 26.70 -5.77 -17.75
C ASP A 249 27.59 -4.66 -17.26
N GLY A 250 27.07 -3.45 -17.14
CA GLY A 250 27.87 -2.35 -16.60
C GLY A 250 27.83 -2.16 -15.08
N ILE A 251 27.08 -2.95 -14.33
CA ILE A 251 26.92 -2.70 -12.87
C ILE A 251 27.88 -3.65 -12.16
N PRO A 252 28.61 -3.21 -11.15
CA PRO A 252 29.52 -4.21 -10.53
C PRO A 252 28.83 -5.02 -9.39
N ASP A 253 27.84 -5.82 -9.76
CA ASP A 253 27.09 -6.60 -8.76
C ASP A 253 27.91 -7.69 -8.07
N ARG A 254 28.76 -8.34 -8.84
CA ARG A 254 29.59 -9.43 -8.33
C ARG A 254 30.41 -9.01 -7.16
N LYS A 255 31.03 -7.84 -7.32
CA LYS A 255 31.80 -7.25 -6.24
C LYS A 255 31.04 -7.21 -4.89
N HIS A 256 29.78 -6.82 -4.94
CA HIS A 256 29.02 -6.64 -3.70
C HIS A 256 28.58 -8.01 -3.20
N VAL A 257 28.24 -8.92 -4.11
CA VAL A 257 27.82 -10.25 -3.66
C VAL A 257 28.96 -11.01 -3.00
N LEU A 258 30.12 -10.98 -3.64
CA LEU A 258 31.28 -11.62 -3.05
C LEU A 258 31.73 -11.06 -1.74
N ARG A 259 31.61 -9.75 -1.54
CA ARG A 259 31.89 -9.19 -0.23
C ARG A 259 31.04 -9.76 0.90
N ARG A 260 29.71 -9.79 0.73
CA ARG A 260 28.92 -10.42 1.79
C ARG A 260 29.15 -11.95 1.87
N GLU A 261 29.53 -12.62 0.76
CA GLU A 261 29.75 -14.05 0.74
C GLU A 261 31.04 -14.43 1.44
N GLU A 262 32.05 -13.57 1.35
CA GLU A 262 33.29 -13.79 2.12
C GLU A 262 33.10 -13.55 3.61
N LEU A 263 32.35 -12.51 4.01
CA LEU A 263 31.98 -12.37 5.41
C LEU A 263 31.22 -13.64 5.84
N PHE A 264 30.26 -14.09 5.01
CA PHE A 264 29.45 -15.22 5.38
C PHE A 264 30.30 -16.48 5.55
N GLN A 265 31.30 -16.63 4.67
CA GLN A 265 32.26 -17.74 4.74
C GLN A 265 32.94 -17.82 6.11
N ALA A 266 33.54 -16.73 6.55
CA ALA A 266 34.16 -16.68 7.87
C ALA A 266 33.12 -16.94 9.00
N GLY A 267 31.96 -16.31 8.86
CA GLY A 267 30.81 -16.56 9.75
C GLY A 267 30.39 -18.00 9.93
N MET A 268 30.20 -18.73 8.82
CA MET A 268 29.68 -20.07 8.93
C MET A 268 30.76 -21.00 9.46
N ARG A 269 32.01 -20.74 9.07
CA ARG A 269 33.20 -21.46 9.61
C ARG A 269 33.24 -21.43 11.18
N GLU A 270 33.01 -20.26 11.76
CA GLU A 270 32.89 -20.11 13.20
C GLU A 270 31.64 -20.71 13.83
N HIS A 271 30.68 -21.19 13.03
CA HIS A 271 29.46 -21.81 13.58
C HIS A 271 29.13 -23.17 12.94
N ALA A 272 30.16 -23.90 12.53
CA ALA A 272 30.01 -25.21 11.91
C ALA A 272 29.20 -26.20 12.74
N ASP A 273 29.20 -26.07 14.06
CA ASP A 273 28.40 -26.95 14.91
C ASP A 273 26.91 -26.81 14.64
N LEU A 274 26.41 -25.62 14.28
CA LEU A 274 24.95 -25.48 13.98
C LEU A 274 24.63 -25.99 12.60
N LEU A 275 25.68 -26.30 11.82
CA LEU A 275 25.46 -26.64 10.43
C LEU A 275 25.65 -28.11 10.03
N ALA A 276 26.45 -28.89 10.74
CA ALA A 276 26.50 -30.38 10.57
C ALA A 276 25.93 -30.99 9.26
N GLY A 277 24.68 -31.42 9.26
CA GLY A 277 24.19 -32.13 8.07
C GLY A 277 23.90 -31.16 6.95
N TYR A 278 23.73 -29.90 7.33
CA TYR A 278 22.89 -29.01 6.57
C TYR A 278 23.35 -28.81 5.12
N GLU A 279 22.44 -29.17 4.23
CA GLU A 279 22.60 -29.02 2.83
C GLU A 279 21.96 -27.69 2.40
N VAL A 280 22.69 -26.91 1.64
CA VAL A 280 22.14 -25.64 1.19
C VAL A 280 21.21 -25.84 -0.02
N TRP A 281 21.58 -26.80 -0.86
CA TRP A 281 20.76 -27.31 -1.94
C TRP A 281 21.05 -28.84 -2.05
N PRO A 282 20.16 -29.59 -2.73
CA PRO A 282 20.18 -31.06 -2.70
C PRO A 282 21.55 -31.59 -2.87
N GLY A 283 22.00 -32.40 -1.94
CA GLY A 283 23.33 -33.01 -2.05
C GLY A 283 24.53 -32.11 -1.85
N GLN A 284 24.32 -30.86 -1.39
CA GLN A 284 25.46 -29.96 -1.15
C GLN A 284 25.46 -29.40 0.28
N PRO A 285 26.39 -29.88 1.14
CA PRO A 285 26.49 -29.26 2.46
C PRO A 285 26.94 -27.78 2.37
N LEU A 286 26.22 -26.91 3.07
CA LEU A 286 26.56 -25.48 3.13
C LEU A 286 28.00 -25.26 3.51
N LEU A 287 28.44 -25.99 4.51
CA LEU A 287 29.82 -25.89 5.03
C LEU A 287 30.87 -26.14 4.01
N SER A 288 30.60 -26.94 2.99
CA SER A 288 31.65 -27.18 2.03
C SER A 288 31.52 -26.34 0.74
N THR A 289 30.64 -25.34 0.73
CA THR A 289 30.55 -24.36 -0.36
C THR A 289 31.48 -23.21 -0.18
N THR A 290 31.85 -22.59 -1.30
CA THR A 290 32.66 -21.40 -1.29
C THR A 290 31.83 -20.20 -1.73
N PRO A 291 32.34 -18.97 -1.53
CA PRO A 291 31.61 -17.77 -1.99
C PRO A 291 31.27 -17.76 -3.50
N GLU A 292 32.25 -18.16 -4.30
CA GLU A 292 32.15 -18.15 -5.76
C GLU A 292 31.13 -19.17 -6.21
N GLN A 293 31.15 -20.35 -5.57
CA GLN A 293 30.21 -21.42 -5.82
C GLN A 293 28.75 -21.04 -5.47
N ARG A 294 28.53 -20.40 -4.33
CA ARG A 294 27.20 -19.89 -4.00
C ARG A 294 26.72 -18.77 -4.99
N TYR A 295 27.62 -17.87 -5.37
CA TYR A 295 27.28 -16.87 -6.39
C TYR A 295 26.90 -17.56 -7.71
N ALA A 296 27.74 -18.51 -8.15
CA ALA A 296 27.48 -19.26 -9.37
C ALA A 296 26.12 -19.98 -9.32
N MET A 297 25.80 -20.60 -8.17
CA MET A 297 24.57 -21.34 -8.08
C MET A 297 23.39 -20.41 -8.18
N ALA A 298 23.49 -19.25 -7.53
CA ALA A 298 22.41 -18.29 -7.60
C ALA A 298 22.20 -17.84 -9.09
N GLU A 299 23.29 -17.68 -9.81
CA GLU A 299 23.21 -17.34 -11.24
C GLU A 299 22.54 -18.46 -12.05
N GLN A 300 22.92 -19.70 -11.74
CA GLN A 300 22.33 -20.85 -12.42
C GLN A 300 20.84 -20.88 -12.19
N TRP A 301 20.42 -20.65 -10.95
CA TRP A 301 18.99 -20.57 -10.65
C TRP A 301 18.29 -19.46 -11.39
N THR A 302 18.95 -18.29 -11.49
CA THR A 302 18.44 -17.17 -12.26
C THR A 302 18.27 -17.51 -13.74
N ASP A 303 19.25 -18.17 -14.31
CA ASP A 303 19.15 -18.57 -15.73
C ASP A 303 18.04 -19.55 -15.98
N ARG A 304 17.91 -20.54 -15.10
CA ARG A 304 16.85 -21.54 -15.25
C ARG A 304 15.49 -20.94 -15.10
N MET A 305 15.34 -20.08 -14.10
CA MET A 305 14.06 -19.50 -13.86
C MET A 305 13.70 -18.61 -15.04
N ALA A 306 14.64 -17.84 -15.55
CA ALA A 306 14.29 -16.93 -16.67
C ALA A 306 13.84 -17.70 -17.96
N ALA A 307 14.56 -18.79 -18.24
CA ALA A 307 14.22 -19.68 -19.36
C ALA A 307 12.76 -20.08 -19.27
N ALA A 308 12.37 -20.52 -18.07
CA ALA A 308 11.02 -20.96 -17.86
C ALA A 308 10.01 -19.80 -17.98
N ARG A 309 10.33 -18.66 -17.37
CA ARG A 309 9.36 -17.54 -17.34
C ARG A 309 9.22 -16.83 -18.69
N LEU A 310 10.35 -16.66 -19.36
CA LEU A 310 10.31 -16.05 -20.69
C LEU A 310 9.48 -16.83 -21.71
N VAL A 311 9.56 -18.16 -21.66
CA VAL A 311 8.76 -18.98 -22.56
C VAL A 311 7.30 -18.70 -22.26
N HIS A 312 6.93 -18.76 -20.99
CA HIS A 312 5.55 -18.54 -20.58
C HIS A 312 5.00 -17.18 -20.98
N MET A 313 5.86 -16.18 -20.97
CA MET A 313 5.50 -14.83 -21.34
C MET A 313 5.38 -14.60 -22.85
N GLY A 314 5.94 -15.49 -23.67
CA GLY A 314 5.95 -15.29 -25.15
C GLY A 314 7.14 -14.49 -25.67
N LEU A 315 8.24 -14.53 -24.89
CA LEU A 315 9.45 -13.85 -25.24
C LEU A 315 10.58 -14.83 -25.18
N PRO A 316 10.44 -15.98 -25.87
CA PRO A 316 11.54 -16.93 -25.86
C PRO A 316 12.81 -16.40 -26.51
N GLU A 317 12.68 -15.49 -27.46
CA GLU A 317 13.85 -14.83 -28.06
C GLU A 317 14.72 -14.06 -27.04
N ALA A 318 14.14 -13.65 -25.91
CA ALA A 318 14.90 -12.95 -24.87
C ALA A 318 15.84 -13.87 -24.17
N ILE A 319 15.60 -15.18 -24.31
CA ILE A 319 16.50 -16.17 -23.75
C ILE A 319 17.85 -16.00 -24.45
N ASP A 320 17.79 -15.78 -25.76
CA ASP A 320 18.99 -15.45 -26.54
C ASP A 320 19.60 -14.08 -26.17
N LEU A 321 18.77 -13.03 -26.08
CA LEU A 321 19.28 -11.69 -25.70
C LEU A 321 19.99 -11.72 -24.37
N LEU A 322 19.46 -12.49 -23.43
CA LEU A 322 20.09 -12.62 -22.10
C LEU A 322 21.19 -13.68 -22.13
N ARG A 323 21.57 -14.14 -23.34
CA ARG A 323 22.68 -15.08 -23.51
C ARG A 323 22.46 -16.38 -22.73
N LEU A 324 21.25 -16.90 -22.79
CA LEU A 324 20.87 -18.06 -22.01
C LEU A 324 20.87 -19.33 -22.87
N THR A 325 21.27 -19.19 -24.14
CA THR A 325 21.49 -20.35 -25.00
C THR A 325 22.96 -20.77 -24.86
N PRO B 4 -2.69 -7.74 21.26
CA PRO B 4 -3.07 -6.33 21.52
C PRO B 4 -3.57 -5.57 20.28
N ILE B 5 -4.88 -5.56 20.05
CA ILE B 5 -5.42 -4.68 19.00
C ILE B 5 -5.60 -3.31 19.68
N PRO B 6 -4.91 -2.25 19.20
CA PRO B 6 -5.11 -0.95 19.85
C PRO B 6 -6.60 -0.50 19.91
N ALA B 7 -6.92 0.20 20.99
CA ALA B 7 -8.26 0.73 21.23
C ALA B 7 -8.75 1.55 20.06
N GLU B 8 -7.86 2.34 19.47
CA GLU B 8 -8.27 3.23 18.39
C GLU B 8 -8.53 2.49 17.10
N THR B 9 -8.07 1.23 16.95
CA THR B 9 -8.41 0.44 15.74
C THR B 9 -9.45 -0.68 15.94
N GLY B 10 -9.69 -1.10 17.20
CA GLY B 10 -10.68 -2.17 17.49
C GLY B 10 -12.07 -1.84 16.95
N TRP B 11 -12.69 -2.82 16.32
CA TRP B 11 -13.98 -2.64 15.71
C TRP B 11 -15.02 -2.01 16.68
N ASP B 12 -15.00 -2.47 17.92
CA ASP B 12 -15.92 -1.93 18.93
C ASP B 12 -15.34 -0.82 19.74
N SER B 13 -14.04 -0.87 20.02
CA SER B 13 -13.41 0.15 20.85
C SER B 13 -13.11 1.48 20.14
N ALA B 14 -12.93 1.46 18.83
CA ALA B 14 -12.53 2.67 18.13
C ALA B 14 -13.54 3.79 18.30
N PRO B 15 -13.08 5.04 18.49
CA PRO B 15 -14.01 6.19 18.62
C PRO B 15 -14.72 6.51 17.30
N GLY B 16 -15.73 7.37 17.34
CA GLY B 16 -16.36 7.89 16.13
C GLY B 16 -15.40 8.86 15.45
N LEU B 17 -15.73 9.26 14.24
CA LEU B 17 -14.80 9.97 13.39
C LEU B 17 -14.39 11.32 13.99
N LEU B 18 -15.35 12.20 14.26
CA LEU B 18 -15.04 13.52 14.82
C LEU B 18 -14.37 13.34 16.14
N GLU B 19 -14.95 12.48 16.93
CA GLU B 19 -14.43 12.25 18.25
C GLU B 19 -12.94 11.92 18.17
N GLY B 20 -12.57 10.91 17.37
CA GLY B 20 -11.16 10.52 17.29
C GLY B 20 -10.25 11.61 16.71
N ALA B 21 -10.68 12.24 15.63
CA ALA B 21 -9.89 13.28 14.97
C ALA B 21 -9.73 14.55 15.77
N MET B 22 -10.66 14.78 16.73
CA MET B 22 -10.65 15.96 17.59
C MET B 22 -9.95 15.69 18.90
N THR B 23 -9.79 14.43 19.28
CA THR B 23 -9.17 14.09 20.56
C THR B 23 -7.87 13.40 20.52
N LEU B 24 -7.64 12.57 19.51
CA LEU B 24 -6.49 11.70 19.54
C LEU B 24 -5.25 12.31 18.95
N ASP B 25 -4.16 11.76 19.36
CA ASP B 25 -2.89 12.25 18.98
C ASP B 25 -2.23 10.97 18.50
N LEU B 26 -2.01 10.85 17.19
CA LEU B 26 -1.36 9.68 16.58
C LEU B 26 -0.32 10.23 15.64
N THR B 27 0.87 9.65 15.68
CA THR B 27 1.97 10.07 14.83
C THR B 27 2.25 9.00 13.78
N PRO B 28 2.98 9.37 12.72
CA PRO B 28 3.33 8.36 11.69
C PRO B 28 4.27 7.28 12.23
N GLU B 29 5.12 7.62 13.21
CA GLU B 29 5.97 6.64 13.92
C GLU B 29 5.16 5.54 14.64
N GLN B 30 4.13 5.95 15.37
CA GLN B 30 3.22 5.01 16.04
C GLN B 30 2.40 4.21 15.05
N CYS B 31 1.86 4.86 14.02
CA CYS B 31 1.01 4.16 13.02
C CYS B 31 1.84 3.60 11.84
N ASP B 32 2.90 2.84 12.17
CA ASP B 32 3.79 2.28 11.17
C ASP B 32 3.17 1.04 10.53
N LEU B 33 3.89 0.43 9.60
CA LEU B 33 3.31 -0.67 8.82
C LEU B 33 3.02 -1.93 9.69
N GLY B 34 3.86 -2.17 10.68
CA GLY B 34 3.57 -3.24 11.65
C GLY B 34 2.27 -3.00 12.41
N TYR B 35 2.11 -1.78 12.91
CA TYR B 35 0.89 -1.38 13.56
C TYR B 35 -0.26 -1.59 12.62
N TRP B 36 -0.13 -1.19 11.36
CA TRP B 36 -1.26 -1.35 10.44
C TRP B 36 -1.61 -2.81 10.15
N LEU B 37 -0.61 -3.63 9.93
CA LEU B 37 -0.93 -5.03 9.57
C LEU B 37 -1.61 -5.70 10.77
N ARG B 38 -1.10 -5.46 11.96
CA ARG B 38 -1.63 -6.07 13.15
C ARG B 38 -2.96 -5.46 13.59
N GLY B 39 -3.02 -4.14 13.64
CA GLY B 39 -4.17 -3.48 14.27
C GLY B 39 -5.31 -3.22 13.35
N VAL B 40 -4.98 -3.11 12.07
CA VAL B 40 -5.98 -2.80 11.08
C VAL B 40 -6.27 -4.01 10.22
N ALA B 41 -5.28 -4.51 9.46
CA ALA B 41 -5.54 -5.67 8.58
C ALA B 41 -6.02 -6.88 9.41
N GLN B 42 -5.42 -7.09 10.58
CA GLN B 42 -5.81 -8.20 11.46
C GLN B 42 -6.69 -7.77 12.61
N GLY B 43 -6.99 -6.48 12.73
CA GLY B 43 -7.77 -5.92 13.86
C GLY B 43 -9.07 -5.37 13.28
N THR B 44 -9.11 -4.07 12.97
CA THR B 44 -10.30 -3.49 12.34
C THR B 44 -10.94 -4.38 11.30
N LEU B 45 -10.12 -5.02 10.46
CA LEU B 45 -10.65 -5.71 9.29
C LEU B 45 -10.90 -7.22 9.50
N ALA B 46 -10.78 -7.73 10.72
CA ALA B 46 -10.97 -9.16 10.97
C ALA B 46 -12.38 -9.56 10.56
N GLY B 47 -12.47 -10.64 9.80
CA GLY B 47 -13.72 -11.10 9.19
C GLY B 47 -14.43 -10.14 8.28
N ARG B 48 -13.74 -9.16 7.71
CA ARG B 48 -14.37 -8.18 6.78
C ARG B 48 -13.44 -7.78 5.65
N ALA B 49 -12.45 -8.61 5.34
CA ALA B 49 -11.43 -8.27 4.35
C ALA B 49 -12.00 -8.05 2.98
N GLU B 50 -12.91 -8.91 2.52
CA GLU B 50 -13.28 -8.82 1.10
C GLU B 50 -14.38 -7.79 0.81
N THR B 51 -15.32 -7.59 1.74
CA THR B 51 -16.46 -6.68 1.48
C THR B 51 -16.59 -5.51 2.45
N GLY B 52 -15.93 -5.60 3.61
CA GLY B 52 -16.07 -4.60 4.66
C GLY B 52 -17.14 -4.90 5.69
N HIS B 53 -17.94 -5.93 5.44
CA HIS B 53 -19.01 -6.35 6.37
C HIS B 53 -19.10 -7.88 6.41
N THR B 54 -19.74 -8.41 7.45
CA THR B 54 -20.04 -9.83 7.62
C THR B 54 -21.44 -10.12 7.10
N ASP B 55 -21.78 -11.39 6.89
CA ASP B 55 -23.16 -11.71 6.42
C ASP B 55 -24.25 -11.42 7.48
N ALA B 56 -23.87 -11.36 8.75
CA ALA B 56 -24.72 -10.75 9.79
C ALA B 56 -24.96 -9.23 9.60
N GLU B 57 -24.55 -8.65 8.47
CA GLU B 57 -24.72 -7.23 8.21
C GLU B 57 -25.05 -7.13 6.73
N PRO B 58 -26.30 -7.47 6.40
CA PRO B 58 -26.69 -7.66 5.01
C PRO B 58 -26.92 -6.37 4.28
N THR B 59 -26.81 -6.43 2.95
CA THR B 59 -27.40 -5.47 2.05
C THR B 59 -28.90 -5.82 1.96
N PRO B 60 -29.77 -5.07 2.65
CA PRO B 60 -31.20 -5.48 2.65
C PRO B 60 -31.90 -5.37 1.29
N GLU B 61 -33.08 -5.99 1.24
CA GLU B 61 -33.84 -6.15 0.00
C GLU B 61 -34.25 -4.83 -0.64
N HIS B 62 -34.72 -3.88 0.17
CA HIS B 62 -35.02 -2.56 -0.34
C HIS B 62 -33.84 -1.84 -1.03
N MET B 63 -32.59 -2.19 -0.73
CA MET B 63 -31.42 -1.57 -1.41
C MET B 63 -31.14 -2.12 -2.82
N ARG B 64 -31.73 -3.26 -3.14
CA ARG B 64 -31.60 -3.84 -4.48
C ARG B 64 -32.71 -3.36 -5.43
N ALA B 65 -33.92 -3.19 -4.90
CA ALA B 65 -35.07 -2.78 -5.71
C ALA B 65 -34.89 -1.38 -6.32
N ASP B 66 -35.10 -1.25 -7.64
CA ASP B 66 -35.03 0.04 -8.34
C ASP B 66 -35.89 1.04 -7.59
N GLY B 67 -35.31 2.12 -7.08
CA GLY B 67 -36.06 3.09 -6.27
C GLY B 67 -35.17 4.23 -5.87
N PRO B 68 -35.74 5.29 -5.26
CA PRO B 68 -34.97 6.48 -4.89
C PRO B 68 -33.88 6.24 -3.83
N LEU B 69 -34.13 5.32 -2.89
CA LEU B 69 -33.15 5.02 -1.86
C LEU B 69 -31.88 4.44 -2.49
N ARG B 70 -32.09 3.42 -3.32
CA ARG B 70 -31.04 2.80 -4.12
C ARG B 70 -30.31 3.85 -4.97
N ASP B 71 -31.04 4.71 -5.65
CA ASP B 71 -30.41 5.79 -6.42
C ASP B 71 -29.50 6.67 -5.55
N ALA B 72 -29.88 6.86 -4.29
CA ALA B 72 -29.07 7.65 -3.36
C ALA B 72 -27.71 6.98 -3.00
N GLN B 73 -27.71 5.67 -2.76
CA GLN B 73 -26.50 4.90 -2.49
C GLN B 73 -25.64 4.75 -3.75
N VAL B 74 -26.28 4.46 -4.88
CA VAL B 74 -25.58 4.34 -6.16
C VAL B 74 -24.88 5.64 -6.58
N LEU B 75 -25.54 6.77 -6.37
CA LEU B 75 -24.91 8.05 -6.63
C LEU B 75 -23.79 8.31 -5.63
N GLU B 76 -24.11 8.20 -4.34
CA GLU B 76 -23.11 8.45 -3.33
C GLU B 76 -21.85 7.59 -3.56
N LEU B 77 -22.03 6.28 -3.71
CA LEU B 77 -20.89 5.34 -3.75
C LEU B 77 -20.19 5.24 -5.09
N SER B 78 -20.87 5.58 -6.17
CA SER B 78 -20.19 5.76 -7.46
C SER B 78 -19.20 6.90 -7.33
N CYS B 79 -19.67 7.97 -6.70
CA CYS B 79 -18.82 9.12 -6.47
C CYS B 79 -17.65 8.80 -5.50
N ARG B 80 -17.95 8.17 -4.36
CA ARG B 80 -16.88 7.85 -3.38
C ARG B 80 -15.83 6.90 -3.98
N SER B 81 -16.29 5.92 -4.76
CA SER B 81 -15.42 4.95 -5.43
C SER B 81 -14.38 5.60 -6.24
N VAL B 82 -14.85 6.55 -7.00
CA VAL B 82 -14.00 7.27 -7.92
C VAL B 82 -13.08 8.18 -7.14
N ALA B 83 -13.62 8.79 -6.08
CA ALA B 83 -12.85 9.71 -5.23
C ALA B 83 -11.66 9.00 -4.56
N GLU B 84 -11.95 7.83 -4.00
CA GLU B 84 -10.97 7.01 -3.27
C GLU B 84 -9.93 6.41 -4.19
N ALA B 85 -10.35 5.91 -5.35
CA ALA B 85 -9.39 5.46 -6.38
C ALA B 85 -8.49 6.54 -6.84
N GLN B 86 -9.06 7.70 -7.12
CA GLN B 86 -8.23 8.80 -7.58
C GLN B 86 -7.33 9.29 -6.43
N ALA B 87 -7.82 9.23 -5.19
CA ALA B 87 -6.99 9.59 -4.04
C ALA B 87 -5.81 8.64 -3.97
N THR B 88 -6.07 7.36 -4.26
CA THR B 88 -5.03 6.36 -4.24
C THR B 88 -3.92 6.79 -5.19
N ARG B 89 -4.30 7.17 -6.42
CA ARG B 89 -3.29 7.61 -7.40
C ARG B 89 -2.51 8.83 -6.98
N VAL B 90 -3.19 9.79 -6.31
CA VAL B 90 -2.49 10.99 -5.81
C VAL B 90 -1.54 10.63 -4.68
N LEU B 91 -2.01 9.84 -3.71
CA LEU B 91 -1.17 9.46 -2.56
C LEU B 91 0.05 8.67 -2.98
N ALA B 92 -0.01 8.03 -4.14
CA ALA B 92 1.18 7.34 -4.66
C ALA B 92 2.38 8.28 -4.76
N HIS B 93 2.14 9.55 -5.10
CA HIS B 93 3.25 10.54 -5.17
C HIS B 93 3.82 10.88 -3.79
N TYR B 94 2.96 10.83 -2.78
CA TYR B 94 3.34 11.08 -1.41
C TYR B 94 4.26 9.94 -0.93
N VAL B 95 3.95 8.71 -1.36
CA VAL B 95 4.81 7.58 -1.06
C VAL B 95 6.14 7.70 -1.79
N ALA B 96 6.08 7.94 -3.09
CA ALA B 96 7.29 8.08 -3.88
C ALA B 96 8.17 9.14 -3.29
N GLN B 97 7.55 10.22 -2.84
CA GLN B 97 8.36 11.34 -2.32
C GLN B 97 8.45 11.42 -0.80
N ALA B 98 8.03 10.39 -0.09
CA ALA B 98 8.13 10.41 1.37
C ALA B 98 9.56 10.81 1.81
N PRO B 99 9.71 11.79 2.75
CA PRO B 99 11.08 12.26 3.06
C PRO B 99 11.93 11.29 3.84
N ASP B 100 11.27 10.29 4.42
CA ASP B 100 11.95 9.25 5.18
C ASP B 100 11.06 8.00 5.30
N ILE B 101 11.64 7.01 5.96
CA ILE B 101 11.05 5.66 6.05
C ILE B 101 9.78 5.67 6.90
N VAL B 102 9.78 6.46 7.95
CA VAL B 102 8.58 6.61 8.78
C VAL B 102 7.38 7.08 7.92
N GLU B 103 7.56 8.10 7.10
CA GLU B 103 6.52 8.63 6.26
C GLU B 103 6.16 7.67 5.07
N LEU B 104 7.17 7.05 4.52
CA LEU B 104 7.01 6.05 3.48
C LEU B 104 6.11 4.92 3.96
N GLU B 105 6.40 4.39 5.14
CA GLU B 105 5.48 3.38 5.74
C GLU B 105 4.08 3.90 6.00
N PHE B 106 3.98 5.04 6.65
CA PHE B 106 2.66 5.50 6.99
C PHE B 106 1.82 5.83 5.74
N PHE B 107 2.40 6.58 4.80
CA PHE B 107 1.65 6.90 3.59
C PHE B 107 1.34 5.69 2.68
N THR B 108 2.19 4.66 2.75
CA THR B 108 1.85 3.40 2.14
C THR B 108 0.57 2.83 2.76
N THR B 109 0.44 2.88 4.08
CA THR B 109 -0.83 2.39 4.72
C THR B 109 -2.08 3.19 4.33
N GLN B 110 -1.91 4.50 4.19
CA GLN B 110 -3.01 5.34 3.76
C GLN B 110 -3.40 5.08 2.31
N LEU B 111 -2.40 4.95 1.45
CA LEU B 111 -2.66 4.57 0.05
C LEU B 111 -3.48 3.26 0.03
N VAL B 112 -3.03 2.25 0.77
CA VAL B 112 -3.77 0.99 0.75
C VAL B 112 -5.19 1.12 1.33
N ASP B 113 -5.35 1.91 2.40
CA ASP B 113 -6.68 2.17 2.95
C ASP B 113 -7.57 2.79 1.90
N GLU B 114 -7.08 3.78 1.16
CA GLU B 114 -7.97 4.40 0.17
C GLU B 114 -8.38 3.41 -0.96
N ALA B 115 -7.41 2.60 -1.39
CA ALA B 115 -7.67 1.60 -2.42
C ALA B 115 -8.72 0.64 -1.90
N ARG B 116 -8.60 0.27 -0.64
CA ARG B 116 -9.59 -0.58 0.00
C ARG B 116 -11.00 0.06 0.06
N HIS B 117 -11.06 1.31 0.49
CA HIS B 117 -12.33 2.03 0.52
C HIS B 117 -12.94 1.99 -0.89
N SER B 118 -12.13 2.30 -1.90
CA SER B 118 -12.59 2.23 -3.26
C SER B 118 -13.17 0.82 -3.57
N MET B 119 -12.47 -0.23 -3.15
CA MET B 119 -12.92 -1.58 -3.43
C MET B 119 -14.24 -1.92 -2.74
N VAL B 120 -14.35 -1.66 -1.45
CA VAL B 120 -15.58 -1.99 -0.74
C VAL B 120 -16.80 -1.21 -1.28
N PHE B 121 -16.57 0.04 -1.70
CA PHE B 121 -17.64 0.82 -2.32
C PHE B 121 -18.06 0.20 -3.64
N ARG B 122 -17.09 -0.21 -4.45
CA ARG B 122 -17.37 -0.88 -5.71
C ARG B 122 -18.15 -2.13 -5.45
N ARG B 123 -17.70 -2.94 -4.48
CA ARG B 123 -18.34 -4.21 -4.22
C ARG B 123 -19.76 -4.04 -3.70
N HIS B 124 -20.04 -2.92 -3.05
CA HIS B 124 -21.39 -2.70 -2.55
C HIS B 124 -22.34 -2.25 -3.68
N LEU B 125 -21.82 -1.58 -4.71
CA LEU B 125 -22.61 -1.38 -5.92
C LEU B 125 -22.96 -2.75 -6.56
N LEU B 126 -21.98 -3.66 -6.65
CA LEU B 126 -22.26 -5.00 -7.17
C LEU B 126 -23.34 -5.67 -6.34
N ALA B 127 -23.26 -5.56 -5.02
CA ALA B 127 -24.25 -6.15 -4.14
C ALA B 127 -25.63 -5.47 -4.21
N MET B 128 -25.71 -4.26 -4.75
CA MET B 128 -27.00 -3.56 -4.94
C MET B 128 -27.68 -3.89 -6.28
N GLY B 129 -27.07 -4.81 -7.04
CA GLY B 129 -27.61 -5.24 -8.31
C GLY B 129 -26.99 -4.58 -9.52
N VAL B 130 -25.95 -3.75 -9.37
CA VAL B 130 -25.27 -3.27 -10.58
C VAL B 130 -24.48 -4.46 -11.17
N PRO B 131 -24.62 -4.68 -12.48
CA PRO B 131 -24.09 -5.92 -13.02
C PRO B 131 -22.63 -5.73 -13.40
N ALA B 132 -21.81 -6.72 -13.10
CA ALA B 132 -20.34 -6.61 -13.23
C ALA B 132 -19.90 -6.10 -14.61
N ASP B 133 -20.52 -6.58 -15.69
CA ASP B 133 -20.13 -6.16 -17.05
C ASP B 133 -20.39 -4.69 -17.33
N ARG B 134 -21.31 -4.07 -16.58
CA ARG B 134 -21.67 -2.65 -16.71
C ARG B 134 -21.00 -1.70 -15.67
N LEU B 135 -20.38 -2.27 -14.63
CA LEU B 135 -19.92 -1.53 -13.46
C LEU B 135 -19.04 -0.30 -13.74
N HIS B 136 -18.00 -0.45 -14.56
CA HIS B 136 -17.09 0.67 -14.87
C HIS B 136 -17.85 1.79 -15.58
N ALA B 137 -18.53 1.44 -16.67
CA ALA B 137 -19.33 2.40 -17.45
C ALA B 137 -20.42 3.03 -16.59
N SER B 138 -21.11 2.20 -15.81
CA SER B 138 -22.09 2.73 -14.88
C SER B 138 -21.49 3.76 -13.89
N ILE B 139 -20.40 3.41 -13.19
CA ILE B 139 -19.79 4.33 -12.22
C ILE B 139 -19.31 5.62 -12.88
N ALA B 140 -18.66 5.48 -14.04
CA ALA B 140 -18.08 6.61 -14.74
C ALA B 140 -19.16 7.60 -15.14
N GLU B 141 -20.28 7.05 -15.60
CA GLU B 141 -21.48 7.79 -15.96
C GLU B 141 -22.09 8.56 -14.78
N VAL B 142 -22.47 7.83 -13.74
CA VAL B 142 -23.17 8.43 -12.60
C VAL B 142 -22.34 9.55 -11.95
N SER B 143 -21.01 9.45 -12.06
CA SER B 143 -20.11 10.24 -11.23
C SER B 143 -19.37 11.31 -12.00
N ALA B 144 -19.57 11.34 -13.30
CA ALA B 144 -18.74 12.17 -14.17
C ALA B 144 -18.76 13.67 -13.81
N GLU B 145 -19.94 14.18 -13.50
CA GLU B 145 -20.08 15.61 -13.22
C GLU B 145 -19.33 15.96 -11.90
N TYR B 146 -19.59 15.17 -10.84
CA TYR B 146 -18.95 15.29 -9.52
C TYR B 146 -17.44 15.19 -9.60
N ARG B 147 -16.93 14.30 -10.45
CA ARG B 147 -15.50 14.19 -10.66
C ARG B 147 -14.93 15.44 -11.30
N ARG B 148 -15.54 15.86 -12.40
CA ARG B 148 -15.10 17.06 -13.12
C ARG B 148 -15.17 18.33 -12.27
N GLU B 149 -16.28 18.51 -11.56
CA GLU B 149 -16.52 19.72 -10.77
C GLU B 149 -15.91 19.77 -9.36
N VAL B 150 -16.02 18.68 -8.61
CA VAL B 150 -15.58 18.64 -7.22
C VAL B 150 -14.20 17.94 -7.04
N LEU B 151 -14.04 16.70 -7.52
CA LEU B 151 -12.82 15.92 -7.24
C LEU B 151 -11.57 16.47 -7.82
N GLU B 152 -11.62 16.75 -9.11
CA GLU B 152 -10.43 17.05 -9.85
C GLU B 152 -9.75 18.37 -9.47
N PRO B 153 -10.53 19.44 -9.24
CA PRO B 153 -9.82 20.63 -8.81
C PRO B 153 -9.15 20.56 -7.39
N ILE B 154 -9.73 19.84 -6.43
CA ILE B 154 -9.04 19.70 -5.14
C ILE B 154 -7.88 18.72 -5.29
N LEU B 155 -8.13 17.61 -5.98
CA LEU B 155 -7.11 16.56 -6.10
C LEU B 155 -5.94 17.05 -6.88
N ASP B 156 -6.21 17.91 -7.88
CA ASP B 156 -5.13 18.48 -8.67
C ASP B 156 -4.24 19.41 -7.93
N PHE B 157 -4.82 20.09 -6.96
CA PHE B 157 -4.03 20.94 -6.10
C PHE B 157 -3.07 20.11 -5.26
N ALA B 158 -3.56 19.00 -4.69
CA ALA B 158 -2.68 18.07 -3.96
C ALA B 158 -1.58 17.55 -4.88
N LEU B 159 -1.99 17.09 -6.06
CA LEU B 159 -1.10 16.46 -7.01
C LEU B 159 -0.02 17.35 -7.41
N THR B 160 -0.34 18.59 -7.79
CA THR B 160 0.71 19.46 -8.28
C THR B 160 1.60 19.95 -7.13
N THR B 161 1.08 20.13 -5.92
CA THR B 161 1.94 20.58 -4.82
C THR B 161 3.10 19.55 -4.58
N VAL B 162 2.74 18.26 -4.65
CA VAL B 162 3.71 17.19 -4.49
C VAL B 162 4.45 16.85 -5.76
N ARG B 163 3.73 16.36 -6.77
CA ARG B 163 4.43 15.85 -7.96
C ARG B 163 5.18 16.93 -8.71
N ASP B 164 4.62 18.13 -8.81
CA ASP B 164 5.25 19.21 -9.62
C ASP B 164 6.14 20.17 -8.81
N GLU B 165 5.75 20.50 -7.58
CA GLU B 165 6.58 21.38 -6.77
C GLU B 165 7.50 20.68 -5.79
N GLY B 166 7.35 19.37 -5.65
CA GLY B 166 8.28 18.62 -4.78
C GLY B 166 8.15 19.01 -3.33
N ASP B 167 6.93 19.42 -2.91
CA ASP B 167 6.64 19.92 -1.56
C ASP B 167 5.77 18.93 -0.81
N PHE B 168 6.43 18.03 -0.12
CA PHE B 168 5.74 16.97 0.58
C PHE B 168 4.83 17.52 1.69
N VAL B 169 5.40 18.32 2.59
CA VAL B 169 4.63 18.76 3.77
C VAL B 169 3.51 19.67 3.32
N GLY B 170 3.82 20.54 2.37
CA GLY B 170 2.76 21.39 1.80
C GLY B 170 1.65 20.53 1.23
N GLY B 171 2.06 19.44 0.58
CA GLY B 171 1.09 18.53 0.03
C GLY B 171 0.35 17.80 1.13
N VAL B 172 1.01 17.49 2.23
CA VAL B 172 0.22 16.88 3.37
C VAL B 172 -0.81 17.86 3.96
N ALA B 173 -0.42 19.12 4.03
CA ALA B 173 -1.34 20.16 4.46
C ALA B 173 -2.55 20.21 3.51
N VAL B 174 -2.32 20.15 2.20
CA VAL B 174 -3.45 20.16 1.28
C VAL B 174 -4.35 19.02 1.60
N PHE B 175 -3.77 17.83 1.65
CA PHE B 175 -4.60 16.63 1.70
C PHE B 175 -5.34 16.61 3.04
N THR B 176 -4.65 16.97 4.10
CA THR B 176 -5.24 16.81 5.43
C THR B 176 -6.20 17.95 5.83
N ILE B 177 -5.95 19.18 5.33
CA ILE B 177 -6.80 20.36 5.67
C ILE B 177 -7.85 20.57 4.61
N ILE B 178 -7.41 20.65 3.34
CA ILE B 178 -8.31 20.99 2.24
C ILE B 178 -9.13 19.81 1.70
N ILE B 179 -8.62 18.60 1.85
CA ILE B 179 -9.34 17.43 1.31
C ILE B 179 -10.00 16.59 2.38
N GLU B 180 -9.21 15.84 3.13
CA GLU B 180 -9.84 14.96 4.16
C GLU B 180 -10.54 15.78 5.25
N GLY B 181 -9.91 16.87 5.66
CA GLY B 181 -10.45 17.77 6.67
C GLY B 181 -11.83 18.24 6.29
N VAL B 182 -12.05 18.47 5.01
CA VAL B 182 -13.31 18.99 4.49
C VAL B 182 -14.32 17.91 4.17
N LEU B 183 -13.90 16.77 3.65
CA LEU B 183 -14.85 15.70 3.30
C LEU B 183 -15.10 14.67 4.39
N ALA B 184 -14.20 14.49 5.34
CA ALA B 184 -14.44 13.40 6.30
C ALA B 184 -15.79 13.57 7.06
N PRO B 185 -16.16 14.80 7.40
CA PRO B 185 -17.32 14.81 8.30
C PRO B 185 -18.62 14.30 7.63
N ALA B 186 -18.77 14.56 6.33
CA ALA B 186 -19.84 13.98 5.51
C ALA B 186 -19.87 12.42 5.55
N ALA B 187 -18.70 11.80 5.71
CA ALA B 187 -18.59 10.34 5.80
C ALA B 187 -19.11 9.83 7.13
N GLU B 188 -18.98 10.61 8.21
CA GLU B 188 -19.59 10.18 9.47
C GLU B 188 -21.11 10.34 9.39
N LEU B 189 -21.55 11.39 8.70
CA LEU B 189 -22.95 11.62 8.45
C LEU B 189 -23.53 10.46 7.66
N SER B 190 -22.88 10.15 6.54
CA SER B 190 -23.22 8.97 5.75
C SER B 190 -23.36 7.73 6.67
N GLU B 191 -22.38 7.46 7.52
CA GLU B 191 -22.49 6.27 8.37
C GLU B 191 -23.75 6.32 9.25
N ARG B 192 -24.01 7.48 9.85
CA ARG B 192 -25.21 7.71 10.69
C ARG B 192 -26.54 7.53 9.90
N LYS B 193 -26.62 8.06 8.68
CA LYS B 193 -27.81 7.86 7.81
C LYS B 193 -28.16 6.40 7.45
N TRP B 194 -27.13 5.64 7.08
CA TRP B 194 -27.31 4.27 6.52
C TRP B 194 -27.30 3.17 7.58
N ASN B 195 -26.85 3.47 8.78
CA ASN B 195 -26.74 2.44 9.80
C ASN B 195 -27.87 1.39 9.70
N LEU B 196 -29.11 1.84 9.83
CA LEU B 196 -30.27 0.94 9.87
C LEU B 196 -30.87 0.62 8.49
N LEU B 197 -30.81 1.56 7.55
CA LEU B 197 -31.37 1.33 6.22
C LEU B 197 -30.58 0.32 5.37
N ASP B 198 -29.24 0.32 5.52
CA ASP B 198 -28.32 -0.52 4.73
C ASP B 198 -27.18 -1.03 5.65
N PRO B 199 -27.45 -2.07 6.43
CA PRO B 199 -26.46 -2.41 7.43
C PRO B 199 -25.06 -2.79 6.89
N ALA B 200 -24.99 -3.35 5.69
CA ALA B 200 -23.73 -3.64 5.02
C ALA B 200 -22.95 -2.33 4.81
N ALA B 201 -23.64 -1.33 4.26
CA ALA B 201 -23.06 -0.03 4.02
C ALA B 201 -22.64 0.61 5.32
N GLY B 202 -23.48 0.52 6.35
CA GLY B 202 -23.21 1.17 7.61
C GLY B 202 -21.88 0.69 8.13
N ALA B 203 -21.65 -0.61 7.95
CA ALA B 203 -20.48 -1.26 8.46
C ALA B 203 -19.24 -0.93 7.59
N ILE B 204 -19.44 -0.87 6.28
CA ILE B 204 -18.43 -0.38 5.37
C ILE B 204 -17.99 1.03 5.80
N ALA B 205 -18.97 1.90 6.08
CA ALA B 205 -18.73 3.28 6.48
C ALA B 205 -17.94 3.35 7.77
N ARG B 206 -18.31 2.50 8.73
CA ARG B 206 -17.67 2.48 10.06
C ARG B 206 -16.19 2.13 9.94
N GLY B 207 -15.88 1.10 9.15
CA GLY B 207 -14.49 0.68 8.88
C GLY B 207 -13.67 1.82 8.31
N ALA B 208 -14.22 2.48 7.31
CA ALA B 208 -13.56 3.56 6.63
C ALA B 208 -13.36 4.74 7.60
N ALA B 209 -14.35 4.93 8.49
CA ALA B 209 -14.30 5.96 9.55
C ALA B 209 -13.18 5.75 10.54
N ILE B 210 -12.95 4.51 10.91
CA ILE B 210 -11.87 4.20 11.84
C ILE B 210 -10.53 4.47 11.12
N ASP B 211 -10.45 4.12 9.82
CA ASP B 211 -9.27 4.45 9.03
C ASP B 211 -9.11 5.98 8.98
N GLU B 212 -10.24 6.67 8.79
CA GLU B 212 -10.19 8.12 8.61
C GLU B 212 -9.63 8.90 9.84
N VAL B 213 -9.90 8.37 11.04
CA VAL B 213 -9.41 8.95 12.29
C VAL B 213 -7.89 8.96 12.26
N ARG B 214 -7.33 7.85 11.75
CA ARG B 214 -5.89 7.74 11.68
C ARG B 214 -5.38 8.67 10.58
N HIS B 215 -6.10 8.77 9.47
CA HIS B 215 -5.59 9.62 8.38
C HIS B 215 -5.50 11.10 8.83
N LEU B 216 -6.55 11.55 9.52
CA LEU B 216 -6.63 12.97 10.01
C LEU B 216 -5.65 13.26 11.10
N THR B 217 -5.55 12.36 12.07
CA THR B 217 -4.70 12.63 13.21
C THR B 217 -3.28 12.55 12.78
N VAL B 218 -2.95 11.56 11.95
CA VAL B 218 -1.55 11.40 11.53
C VAL B 218 -1.13 12.56 10.63
N GLY B 219 -2.00 12.95 9.72
CA GLY B 219 -1.68 14.06 8.84
C GLY B 219 -1.50 15.35 9.60
N SER B 220 -2.31 15.54 10.65
CA SER B 220 -2.11 16.63 11.56
C SER B 220 -0.73 16.61 12.20
N SER B 221 -0.30 15.44 12.72
CA SER B 221 1.06 15.36 13.29
C SER B 221 2.12 15.72 12.35
N VAL B 222 2.03 15.24 11.10
CA VAL B 222 3.04 15.57 10.07
C VAL B 222 3.17 17.10 9.93
N VAL B 223 2.05 17.79 9.80
CA VAL B 223 2.11 19.24 9.66
C VAL B 223 2.73 19.86 10.93
N ARG B 224 2.23 19.40 12.08
CA ARG B 224 2.58 19.98 13.35
C ARG B 224 4.06 19.88 13.52
N ARG B 225 4.56 18.67 13.29
CA ARG B 225 5.98 18.43 13.50
C ARG B 225 6.84 19.28 12.55
N HIS B 226 6.45 19.38 11.29
CA HIS B 226 7.27 20.15 10.35
C HIS B 226 7.32 21.61 10.81
N LEU B 227 6.16 22.16 11.19
CA LEU B 227 6.04 23.56 11.57
C LEU B 227 6.84 23.87 12.87
N LEU B 228 6.84 22.97 13.84
CA LEU B 228 7.69 23.14 15.01
C LEU B 228 9.15 23.11 14.65
N ARG B 229 9.54 22.26 13.70
CA ARG B 229 10.93 22.13 13.31
C ARG B 229 11.37 23.30 12.42
N ARG B 230 10.47 23.79 11.57
CA ARG B 230 10.78 24.90 10.64
C ARG B 230 9.67 25.94 10.70
N PRO B 231 9.63 26.70 11.81
CA PRO B 231 8.57 27.71 12.08
C PRO B 231 8.41 28.73 10.95
N GLU B 232 9.47 28.95 10.19
CA GLU B 232 9.46 29.90 9.08
C GLU B 232 8.48 29.47 7.98
N ARG B 233 8.14 28.20 7.92
CA ARG B 233 7.20 27.70 6.93
C ARG B 233 5.77 28.04 7.21
N LYS B 234 5.48 28.67 8.33
CA LYS B 234 4.10 29.04 8.62
C LYS B 234 3.41 29.80 7.49
N ALA B 235 4.09 30.79 6.89
CA ALA B 235 3.47 31.63 5.84
C ALA B 235 3.16 30.83 4.58
N ALA B 236 4.11 30.01 4.16
CA ALA B 236 3.82 29.08 3.07
C ALA B 236 2.61 28.17 3.36
N LEU B 237 2.53 27.58 4.56
CA LEU B 237 1.36 26.74 4.88
C LEU B 237 0.05 27.52 4.85
N LEU B 238 0.09 28.76 5.33
CA LEU B 238 -1.10 29.58 5.34
C LEU B 238 -1.45 29.98 3.92
N ASP B 239 -0.45 30.25 3.09
CA ASP B 239 -0.69 30.45 1.64
C ASP B 239 -1.40 29.25 0.98
N ILE B 240 -1.00 28.02 1.33
CA ILE B 240 -1.70 26.83 0.83
C ILE B 240 -3.14 26.77 1.32
N VAL B 241 -3.36 27.08 2.60
CA VAL B 241 -4.72 27.06 3.08
C VAL B 241 -5.57 28.11 2.35
N ARG B 242 -5.07 29.34 2.27
CA ARG B 242 -5.74 30.41 1.53
C ARG B 242 -6.09 29.91 0.14
N ARG B 243 -5.09 29.41 -0.57
CA ARG B 243 -5.31 28.90 -1.93
C ARG B 243 -6.37 27.78 -1.97
N GLY B 244 -6.40 26.92 -0.93
CA GLY B 244 -7.37 25.86 -0.86
C GLY B 244 -8.80 26.37 -0.70
N ARG B 245 -8.94 27.45 0.04
CA ARG B 245 -10.24 28.00 0.30
C ARG B 245 -10.75 28.62 -1.00
N GLU B 246 -9.89 29.32 -1.71
CA GLU B 246 -10.25 29.89 -3.01
C GLU B 246 -10.78 28.83 -3.97
N ILE B 247 -10.18 27.63 -3.98
CA ILE B 247 -10.65 26.52 -4.85
C ILE B 247 -12.02 26.03 -4.43
N TRP B 248 -12.20 25.82 -3.13
CA TRP B 248 -13.52 25.42 -2.65
C TRP B 248 -14.61 26.48 -2.96
N ASP B 249 -14.22 27.75 -2.98
CA ASP B 249 -15.16 28.83 -3.23
C ASP B 249 -15.69 28.73 -4.66
N GLY B 250 -14.87 28.22 -5.57
CA GLY B 250 -15.29 28.00 -6.96
C GLY B 250 -15.97 26.66 -7.27
N ILE B 251 -16.41 25.91 -6.27
CA ILE B 251 -16.89 24.55 -6.50
C ILE B 251 -18.34 24.38 -6.03
N PRO B 252 -19.22 23.76 -6.86
CA PRO B 252 -20.62 23.52 -6.52
C PRO B 252 -20.88 22.25 -5.69
N ASP B 253 -20.21 22.12 -4.54
CA ASP B 253 -20.34 20.94 -3.68
C ASP B 253 -21.76 20.82 -3.14
N ARG B 254 -22.38 21.98 -2.92
CA ARG B 254 -23.72 22.04 -2.35
C ARG B 254 -24.72 21.40 -3.31
N LYS B 255 -24.65 21.78 -4.57
CA LYS B 255 -25.52 21.22 -5.59
C LYS B 255 -25.48 19.70 -5.59
N HIS B 256 -24.27 19.15 -5.53
CA HIS B 256 -24.09 17.71 -5.63
C HIS B 256 -24.59 16.99 -4.41
N VAL B 257 -24.34 17.55 -3.22
CA VAL B 257 -24.82 16.90 -2.00
C VAL B 257 -26.35 16.89 -2.01
N LEU B 258 -26.96 18.02 -2.35
CA LEU B 258 -28.41 18.16 -2.28
C LEU B 258 -29.07 17.20 -3.25
N ARG B 259 -28.44 16.92 -4.39
CA ARG B 259 -29.00 15.92 -5.31
C ARG B 259 -29.23 14.59 -4.59
N ARG B 260 -28.20 14.09 -3.93
CA ARG B 260 -28.29 12.75 -3.39
C ARG B 260 -29.03 12.78 -2.06
N GLU B 261 -29.04 13.95 -1.39
CA GLU B 261 -29.80 14.10 -0.14
C GLU B 261 -31.33 14.12 -0.37
N GLU B 262 -31.79 14.71 -1.47
CA GLU B 262 -33.24 14.68 -1.84
C GLU B 262 -33.67 13.28 -2.24
N LEU B 263 -32.86 12.63 -3.08
CA LEU B 263 -33.06 11.22 -3.37
C LEU B 263 -33.12 10.46 -2.04
N PHE B 264 -32.27 10.84 -1.09
CA PHE B 264 -32.30 10.19 0.23
C PHE B 264 -33.61 10.49 0.99
N GLN B 265 -34.13 11.71 0.86
CA GLN B 265 -35.43 12.04 1.49
C GLN B 265 -36.52 11.06 1.09
N ALA B 266 -36.83 11.01 -0.20
CA ALA B 266 -37.87 10.12 -0.75
C ALA B 266 -37.77 8.71 -0.21
N GLY B 267 -36.58 8.11 -0.27
CA GLY B 267 -36.37 6.71 0.13
C GLY B 267 -36.41 6.47 1.64
N MET B 268 -35.99 7.47 2.41
CA MET B 268 -36.16 7.46 3.88
C MET B 268 -37.65 7.37 4.25
N ARG B 269 -38.49 8.11 3.53
CA ARG B 269 -39.95 8.08 3.73
C ARG B 269 -40.52 6.67 3.69
N GLU B 270 -40.07 5.90 2.72
CA GLU B 270 -40.57 4.55 2.52
C GLU B 270 -40.17 3.55 3.64
N HIS B 271 -39.49 4.00 4.69
CA HIS B 271 -39.10 3.10 5.81
C HIS B 271 -39.16 3.86 7.15
N ALA B 272 -40.27 4.60 7.35
CA ALA B 272 -40.50 5.34 8.59
C ALA B 272 -40.71 4.36 9.74
N ASP B 273 -41.30 3.20 9.41
CA ASP B 273 -41.47 2.12 10.38
C ASP B 273 -40.07 1.78 10.88
N LEU B 274 -39.24 1.35 9.94
CA LEU B 274 -37.88 0.96 10.19
C LEU B 274 -37.12 1.98 11.05
N LEU B 275 -37.36 3.28 10.79
CA LEU B 275 -36.61 4.37 11.42
C LEU B 275 -37.29 5.00 12.63
N ALA B 276 -38.35 4.34 13.14
CA ALA B 276 -39.12 4.79 14.31
C ALA B 276 -38.31 5.67 15.23
N GLY B 277 -37.37 5.08 15.98
CA GLY B 277 -36.65 5.82 17.04
C GLY B 277 -35.33 6.51 16.68
N TYR B 278 -34.98 6.56 15.38
CA TYR B 278 -33.57 6.77 14.97
C TYR B 278 -33.08 8.23 14.87
N GLU B 279 -32.01 8.56 15.59
CA GLU B 279 -31.46 9.91 15.62
C GLU B 279 -30.16 10.06 14.84
N VAL B 280 -30.19 10.84 13.76
CA VAL B 280 -28.99 11.05 12.99
C VAL B 280 -27.92 11.77 13.83
N TRP B 281 -28.33 12.66 14.71
CA TRP B 281 -27.44 13.08 15.79
C TRP B 281 -28.29 13.41 17.04
N PRO B 282 -27.67 13.47 18.25
CA PRO B 282 -28.39 13.62 19.53
C PRO B 282 -29.60 14.53 19.48
N GLY B 283 -30.70 14.06 20.06
CA GLY B 283 -31.94 14.82 20.09
C GLY B 283 -32.38 15.31 18.73
N GLN B 284 -32.16 14.53 17.67
CA GLN B 284 -32.68 14.88 16.34
C GLN B 284 -32.96 13.62 15.52
N PRO B 285 -34.18 13.08 15.62
CA PRO B 285 -34.60 11.96 14.76
C PRO B 285 -34.31 12.18 13.25
N LEU B 286 -33.91 11.11 12.59
CA LEU B 286 -33.46 11.16 11.21
C LEU B 286 -34.56 11.62 10.29
N LEU B 287 -35.76 11.10 10.54
CA LEU B 287 -36.95 11.43 9.76
C LEU B 287 -37.30 12.90 9.76
N SER B 288 -37.15 13.58 10.91
CA SER B 288 -37.45 15.02 11.02
C SER B 288 -36.52 15.89 10.16
N THR B 289 -35.29 15.46 9.93
CA THR B 289 -34.29 16.30 9.26
C THR B 289 -34.63 16.46 7.79
N THR B 290 -34.13 17.55 7.19
CA THR B 290 -34.30 17.82 5.76
C THR B 290 -32.93 17.84 5.09
N PRO B 291 -32.88 17.84 3.74
CA PRO B 291 -31.63 17.87 2.97
C PRO B 291 -30.66 19.01 3.31
N GLU B 292 -31.17 20.24 3.35
CA GLU B 292 -30.35 21.42 3.65
C GLU B 292 -29.79 21.36 5.07
N GLN B 293 -30.58 20.83 5.98
CA GLN B 293 -30.21 20.72 7.39
C GLN B 293 -29.08 19.69 7.65
N ARG B 294 -29.17 18.54 6.97
CA ARG B 294 -28.10 17.54 6.99
C ARG B 294 -26.80 18.10 6.37
N TYR B 295 -26.94 18.84 5.29
CA TYR B 295 -25.82 19.50 4.70
C TYR B 295 -25.19 20.56 5.62
N ALA B 296 -26.03 21.33 6.31
CA ALA B 296 -25.53 22.43 7.16
C ALA B 296 -24.86 21.85 8.37
N MET B 297 -25.38 20.72 8.86
CA MET B 297 -24.78 20.03 9.99
C MET B 297 -23.35 19.49 9.64
N ALA B 298 -23.18 18.90 8.46
CA ALA B 298 -21.86 18.47 7.98
C ALA B 298 -20.91 19.63 7.94
N GLU B 299 -21.38 20.76 7.42
CA GLU B 299 -20.57 21.96 7.39
C GLU B 299 -20.17 22.39 8.80
N GLN B 300 -21.12 22.37 9.73
CA GLN B 300 -20.85 22.70 11.15
C GLN B 300 -19.82 21.78 11.80
N TRP B 301 -20.03 20.48 11.61
CA TRP B 301 -19.06 19.45 11.98
C TRP B 301 -17.68 19.76 11.44
N THR B 302 -17.62 20.14 10.16
CA THR B 302 -16.37 20.45 9.51
C THR B 302 -15.68 21.64 10.15
N ASP B 303 -16.48 22.65 10.46
CA ASP B 303 -15.97 23.84 11.08
C ASP B 303 -15.42 23.54 12.47
N ARG B 304 -16.18 22.82 13.27
CA ARG B 304 -15.75 22.48 14.63
C ARG B 304 -14.46 21.67 14.61
N MET B 305 -14.43 20.64 13.78
CA MET B 305 -13.25 19.78 13.69
C MET B 305 -12.03 20.57 13.21
N ALA B 306 -12.25 21.43 12.23
CA ALA B 306 -11.14 22.17 11.68
C ALA B 306 -10.54 23.09 12.75
N ALA B 307 -11.42 23.68 13.57
CA ALA B 307 -10.96 24.58 14.64
C ALA B 307 -10.04 23.85 15.59
N ALA B 308 -10.44 22.63 15.98
CA ALA B 308 -9.64 21.77 16.85
C ALA B 308 -8.34 21.31 16.16
N ARG B 309 -8.47 20.84 14.95
CA ARG B 309 -7.29 20.29 14.26
C ARG B 309 -6.27 21.37 13.95
N LEU B 310 -6.74 22.54 13.51
CA LEU B 310 -5.80 23.60 13.11
C LEU B 310 -5.06 24.14 14.30
N VAL B 311 -5.72 24.20 15.47
CA VAL B 311 -5.00 24.53 16.72
C VAL B 311 -3.91 23.48 17.03
N HIS B 312 -4.25 22.20 16.95
CA HIS B 312 -3.25 21.15 17.24
C HIS B 312 -2.03 21.26 16.27
N MET B 313 -2.29 21.47 14.99
CA MET B 313 -1.22 21.65 13.97
C MET B 313 -0.30 22.87 14.16
N GLY B 314 -0.75 23.90 14.89
CA GLY B 314 0.04 25.14 15.08
C GLY B 314 -0.28 26.19 14.02
N LEU B 315 -1.48 26.10 13.43
CA LEU B 315 -1.98 27.05 12.43
C LEU B 315 -3.36 27.59 12.86
N PRO B 316 -3.46 28.14 14.09
CA PRO B 316 -4.76 28.71 14.47
C PRO B 316 -5.12 29.92 13.60
N GLU B 317 -4.12 30.61 13.06
CA GLU B 317 -4.36 31.68 12.06
C GLU B 317 -5.17 31.19 10.83
N ALA B 318 -5.02 29.91 10.45
CA ALA B 318 -5.81 29.33 9.36
C ALA B 318 -7.29 29.28 9.68
N ILE B 319 -7.63 29.36 10.97
CA ILE B 319 -9.04 29.43 11.40
C ILE B 319 -9.65 30.74 10.83
N ASP B 320 -8.86 31.81 10.90
CA ASP B 320 -9.18 33.09 10.28
C ASP B 320 -9.25 33.01 8.75
N LEU B 321 -8.18 32.52 8.10
CA LEU B 321 -8.15 32.35 6.64
C LEU B 321 -9.29 31.50 6.10
N LEU B 322 -9.75 30.53 6.88
CA LEU B 322 -10.88 29.70 6.46
C LEU B 322 -12.22 30.30 6.90
N ARG B 323 -12.22 31.54 7.41
CA ARG B 323 -13.46 32.19 7.86
C ARG B 323 -14.16 31.44 9.01
N LEU B 324 -13.36 30.93 9.95
CA LEU B 324 -13.93 30.24 11.13
C LEU B 324 -14.06 31.13 12.40
N THR B 325 -13.82 32.44 12.31
CA THR B 325 -13.94 33.34 13.48
C THR B 325 -15.25 34.11 13.54
FE FE C . 9.08 -8.30 -5.04
FE FE D . 10.55 -7.58 -1.93
S SO4 E . 24.03 9.94 -2.51
O1 SO4 E . 24.71 11.19 -2.85
O2 SO4 E . 24.61 9.53 -1.20
O3 SO4 E . 24.30 8.87 -3.51
O4 SO4 E . 22.55 10.11 -2.42
S SO4 F . -3.56 -3.39 -24.22
O1 SO4 F . -4.56 -2.58 -23.50
O2 SO4 F . -2.55 -2.47 -24.79
O3 SO4 F . -2.85 -4.33 -23.31
O4 SO4 F . -4.32 -4.15 -25.25
C1 EDO G . 27.42 -2.33 13.83
O1 EDO G . 27.26 -3.45 12.94
C2 EDO G . 26.07 -1.76 14.23
O2 EDO G . 25.61 -2.42 15.41
C1 EDO H . 16.64 6.22 -8.21
O1 EDO H . 17.16 5.27 -9.16
C2 EDO H . 15.44 5.61 -7.50
O2 EDO H . 15.79 4.30 -7.00
C1 EDO I . 5.37 -2.84 -24.22
O1 EDO I . 4.54 -2.36 -25.26
C2 EDO I . 6.79 -2.57 -24.66
O2 EDO I . 6.83 -1.22 -25.15
C1 EDO J . 14.82 7.36 5.59
O1 EDO J . 15.61 7.13 6.75
C2 EDO J . 15.61 7.13 4.33
O2 EDO J . 14.62 6.59 3.44
FE FE K . -8.84 9.03 4.01
FE FE L . -10.94 7.04 2.21
#